data_6HVO
#
_entry.id   6HVO
#
_cell.length_a   71.965
_cell.length_b   83.888
_cell.length_c   154.982
_cell.angle_alpha   90.000
_cell.angle_beta   90.000
_cell.angle_gamma   90.000
#
_symmetry.space_group_name_H-M   'P 21 21 21'
#
loop_
_entity.id
_entity.type
_entity.pdbx_description
1 polymer 'Proliferating cell nuclear antigen'
2 polymer 'DNA polymerase delta subunit 4'
3 non-polymer 'SULFATE ION'
4 water water
#
loop_
_entity_poly.entity_id
_entity_poly.type
_entity_poly.pdbx_seq_one_letter_code
_entity_poly.pdbx_strand_id
1 'polypeptide(L)'
;GPHMFEARLVQGSILKKVLEALKDLINEACWDISSSGVNLQSMDSSHVSLVQLTLRSEGFDTYRCDRNLAMGVNLTSMSK
ILKCAGNEDIITLRAEDNADTLALVFEAPNQEKVSDYEMKLMDLDVEQLGIPEQEYSCVVKMPSGEFARICRDLSHIGDA
VVISCAKDGVKFSASGELGNGNIKLSQTSNVDKEEEAVTIEMNEPVQLTFALRYLNFFTKATPLSSTVTLSMSADVPLVV
EYKIADMGHLKYYLAPKIEDEEGS
;
A,B,C
2 'polypeptide(L)' MGRKRLITDSYPVVKRREG D,F,E
#
# COMPACT_ATOMS: atom_id res chain seq x y z
N PRO A 2 23.47 40.73 9.84
CA PRO A 2 24.76 40.12 10.07
C PRO A 2 24.65 38.84 10.91
N HIS A 3 25.59 37.92 10.71
CA HIS A 3 25.58 36.63 11.43
C HIS A 3 24.30 35.87 11.07
N MET A 4 24.34 35.32 9.86
CA MET A 4 23.17 34.79 9.16
C MET A 4 23.63 33.61 8.28
N PHE A 5 22.92 32.48 8.40
CA PHE A 5 23.18 31.28 7.60
C PHE A 5 22.12 31.15 6.51
N GLU A 6 22.53 30.93 5.27
CA GLU A 6 21.56 30.67 4.25
C GLU A 6 22.15 29.66 3.27
N ALA A 7 21.34 28.67 2.83
CA ALA A 7 21.83 27.63 1.89
C ALA A 7 20.69 27.18 0.97
N ARG A 8 21.00 27.10 -0.32
CA ARG A 8 20.05 26.83 -1.32
C ARG A 8 20.41 25.49 -1.94
N LEU A 9 19.49 24.52 -1.86
CA LEU A 9 19.74 23.23 -2.50
C LEU A 9 18.72 22.98 -3.62
N VAL A 10 19.19 22.75 -4.83
CA VAL A 10 18.28 22.65 -5.97
C VAL A 10 17.58 21.29 -5.95
N GLN A 11 18.28 20.25 -5.52
CA GLN A 11 17.72 18.90 -5.40
C GLN A 11 17.18 18.73 -3.97
N GLY A 12 16.01 19.27 -3.72
CA GLY A 12 15.45 19.30 -2.38
C GLY A 12 15.25 17.91 -1.80
N SER A 13 15.09 16.94 -2.69
CA SER A 13 14.86 15.56 -2.30
C SER A 13 16.07 15.01 -1.53
N ILE A 14 17.27 15.53 -1.74
CA ILE A 14 18.41 15.05 -0.97
C ILE A 14 18.09 15.28 0.51
N LEU A 15 17.54 16.44 0.80
CA LEU A 15 17.33 16.76 2.19
C LEU A 15 16.13 15.99 2.76
N LYS A 16 15.07 15.80 1.98
CA LYS A 16 13.95 14.91 2.41
C LYS A 16 14.50 13.50 2.73
N LYS A 17 15.32 12.94 1.87
CA LYS A 17 15.79 11.59 2.07
C LYS A 17 16.75 11.50 3.26
N VAL A 18 17.56 12.52 3.48
CA VAL A 18 18.46 12.53 4.60
C VAL A 18 17.67 12.51 5.90
N LEU A 19 16.57 13.27 6.01
CA LEU A 19 15.82 13.27 7.27
C LEU A 19 14.99 11.99 7.51
N GLU A 20 14.42 11.35 6.48
CA GLU A 20 13.82 10.03 6.61
C GLU A 20 14.89 9.00 7.00
N ALA A 21 16.13 9.18 6.60
CA ALA A 21 17.18 8.19 6.98
C ALA A 21 17.72 8.41 8.40
N LEU A 22 17.25 9.44 9.11
CA LEU A 22 17.75 9.78 10.46
C LEU A 22 16.63 9.69 11.50
N LYS A 23 15.40 10.11 11.14
CA LYS A 23 14.43 10.49 12.16
C LYS A 23 14.00 9.29 13.01
N ASP A 24 14.10 8.06 12.52
CA ASP A 24 13.63 6.94 13.35
C ASP A 24 14.77 6.46 14.27
N LEU A 25 16.03 6.82 13.98
CA LEU A 25 17.16 6.37 14.80
C LEU A 25 17.57 7.45 15.82
N ILE A 26 17.44 8.71 15.44
CA ILE A 26 17.86 9.86 16.25
C ILE A 26 16.65 10.81 16.38
N ASN A 27 16.20 11.07 17.59
CA ASN A 27 15.02 11.93 17.78
C ASN A 27 15.37 13.39 17.51
N GLU A 28 16.56 13.80 17.92
CA GLU A 28 16.87 15.21 17.94
C GLU A 28 18.37 15.36 17.91
N ALA A 29 18.89 16.27 17.09
CA ALA A 29 20.33 16.40 17.04
C ALA A 29 20.73 17.85 16.81
N CYS A 30 22.03 18.06 17.05
CA CYS A 30 22.68 19.33 16.81
CA CYS A 30 22.69 19.33 16.82
C CYS A 30 23.27 19.34 15.40
N TRP A 31 22.81 20.29 14.61
CA TRP A 31 23.33 20.54 13.27
C TRP A 31 24.47 21.54 13.39
N ASP A 32 25.70 21.12 13.17
CA ASP A 32 26.84 22.00 13.27
C ASP A 32 27.13 22.64 11.91
N ILE A 33 26.79 23.93 11.79
CA ILE A 33 26.88 24.67 10.54
C ILE A 33 28.14 25.54 10.57
N SER A 34 28.93 25.46 9.53
CA SER A 34 30.11 26.29 9.36
C SER A 34 30.24 26.67 7.88
N SER A 35 31.34 27.33 7.50
CA SER A 35 31.57 27.71 6.10
CA SER A 35 31.53 27.70 6.10
C SER A 35 32.00 26.49 5.28
N SER A 36 32.47 25.42 5.91
CA SER A 36 32.78 24.24 5.09
C SER A 36 31.50 23.44 4.78
N GLY A 37 30.44 23.60 5.58
CA GLY A 37 29.22 22.86 5.33
C GLY A 37 28.43 22.52 6.58
N VAL A 38 27.60 21.51 6.44
CA VAL A 38 26.74 21.03 7.50
C VAL A 38 27.26 19.68 8.01
N ASN A 39 27.41 19.60 9.33
CA ASN A 39 27.92 18.40 10.00
C ASN A 39 26.94 18.02 11.11
N LEU A 40 26.68 16.72 11.23
CA LEU A 40 25.80 16.20 12.31
C LEU A 40 26.46 14.92 12.84
N GLN A 41 26.45 14.76 14.15
CA GLN A 41 27.05 13.62 14.83
C GLN A 41 26.19 13.29 16.05
N SER A 42 25.73 12.05 16.19
CA SER A 42 24.84 11.73 17.28
C SER A 42 24.73 10.20 17.44
N MET A 43 24.73 9.80 18.71
CA MET A 43 24.46 8.44 19.12
C MET A 43 22.96 8.29 19.26
N ASP A 44 22.44 7.10 19.01
CA ASP A 44 21.07 6.78 19.37
C ASP A 44 20.98 6.74 20.90
N SER A 45 19.79 6.67 21.49
CA SER A 45 19.71 6.78 22.96
C SER A 45 20.37 5.58 23.65
N SER A 46 20.46 4.43 23.00
CA SER A 46 21.08 3.23 23.59
C SER A 46 22.63 3.32 23.59
N HIS A 47 23.24 4.23 22.84
CA HIS A 47 24.73 4.36 22.71
C HIS A 47 25.34 3.12 22.03
N VAL A 48 24.50 2.36 21.32
CA VAL A 48 24.97 1.20 20.60
C VAL A 48 25.39 1.60 19.17
N SER A 49 24.83 2.73 18.68
CA SER A 49 25.08 3.21 17.32
C SER A 49 25.25 4.72 17.32
N LEU A 50 25.97 5.17 16.29
CA LEU A 50 26.27 6.53 16.03
C LEU A 50 26.05 6.83 14.53
N VAL A 51 25.49 8.01 14.25
CA VAL A 51 25.37 8.48 12.87
C VAL A 51 26.25 9.72 12.64
N GLN A 52 26.86 9.79 11.45
CA GLN A 52 27.73 10.88 11.04
C GLN A 52 27.27 11.35 9.64
N LEU A 53 26.74 12.57 9.55
CA LEU A 53 26.33 13.19 8.30
C LEU A 53 27.27 14.35 7.95
N THR A 54 27.71 14.42 6.70
CA THR A 54 28.43 15.56 6.21
C THR A 54 27.81 16.04 4.88
N LEU A 55 27.46 17.32 4.81
CA LEU A 55 27.05 17.98 3.54
C LEU A 55 27.97 19.16 3.25
N ARG A 56 28.77 19.10 2.21
CA ARG A 56 29.76 20.15 1.99
C ARG A 56 29.10 21.38 1.35
N SER A 57 29.67 22.54 1.69
CA SER A 57 29.23 23.88 1.19
C SER A 57 29.05 23.83 -0.34
N GLU A 58 29.97 23.15 -1.03
CA GLU A 58 30.00 23.06 -2.51
C GLU A 58 28.73 22.42 -3.07
N GLY A 59 28.03 21.59 -2.31
CA GLY A 59 26.88 20.90 -2.84
C GLY A 59 25.69 21.84 -3.02
N PHE A 60 25.71 22.94 -2.30
CA PHE A 60 24.60 23.85 -2.33
C PHE A 60 24.80 24.85 -3.47
N ASP A 61 23.70 25.22 -4.08
CA ASP A 61 23.79 26.05 -5.25
C ASP A 61 24.17 27.47 -4.80
N THR A 62 23.66 27.97 -3.67
CA THR A 62 24.31 29.08 -2.97
C THR A 62 24.44 28.71 -1.48
N TYR A 63 25.44 29.23 -0.82
CA TYR A 63 25.75 28.90 0.55
C TYR A 63 26.44 30.07 1.25
N ARG A 64 25.90 30.51 2.37
CA ARG A 64 26.53 31.53 3.16
C ARG A 64 26.51 31.14 4.63
N CYS A 65 27.67 31.18 5.27
CA CYS A 65 27.73 31.02 6.72
C CYS A 65 28.74 32.02 7.30
N ASP A 66 28.22 33.10 7.88
CA ASP A 66 29.05 34.21 8.43
C ASP A 66 29.83 33.67 9.64
N ARG A 67 29.10 33.21 10.64
CA ARG A 67 29.63 32.72 11.89
C ARG A 67 29.21 31.25 12.07
N ASN A 68 30.05 30.43 12.70
CA ASN A 68 29.69 29.04 13.00
C ASN A 68 28.43 29.06 13.86
N LEU A 69 27.58 28.04 13.74
CA LEU A 69 26.50 27.91 14.70
C LEU A 69 26.09 26.44 14.84
N ALA A 70 25.26 26.23 15.84
CA ALA A 70 24.81 24.94 16.25
C ALA A 70 23.30 25.02 16.47
N MET A 71 22.50 24.40 15.59
CA MET A 71 21.05 24.40 15.75
C MET A 71 20.59 23.07 16.36
N GLY A 72 19.84 23.15 17.46
CA GLY A 72 19.18 22.00 18.01
C GLY A 72 17.84 21.78 17.32
N VAL A 73 17.71 20.64 16.63
CA VAL A 73 16.53 20.29 15.83
C VAL A 73 15.90 18.98 16.33
N ASN A 74 14.58 19.02 16.47
CA ASN A 74 13.76 17.83 16.59
C ASN A 74 13.59 17.21 15.20
N LEU A 75 14.24 16.07 14.95
CA LEU A 75 14.32 15.55 13.59
C LEU A 75 12.94 15.13 13.09
N THR A 76 12.04 14.75 14.00
CA THR A 76 10.68 14.36 13.62
C THR A 76 9.90 15.59 13.15
N SER A 77 10.01 16.71 13.87
CA SER A 77 9.43 17.97 13.45
C SER A 77 9.93 18.38 12.05
N MET A 78 11.23 18.25 11.85
CA MET A 78 11.81 18.70 10.62
C MET A 78 11.37 17.80 9.47
N SER A 79 11.27 16.48 9.69
CA SER A 79 10.80 15.51 8.66
CA SER A 79 10.81 15.53 8.62
C SER A 79 9.35 15.83 8.26
N LYS A 80 8.53 16.18 9.23
CA LYS A 80 7.14 16.52 8.95
C LYS A 80 7.06 17.75 8.02
N ILE A 81 7.91 18.76 8.25
CA ILE A 81 7.89 19.97 7.44
C ILE A 81 8.44 19.65 6.05
N LEU A 82 9.46 18.80 5.95
CA LEU A 82 10.05 18.46 4.63
C LEU A 82 9.08 17.60 3.80
N LYS A 83 8.12 16.96 4.43
CA LYS A 83 7.08 16.25 3.68
C LYS A 83 6.21 17.25 2.91
N CYS A 84 6.16 18.53 3.28
CA CYS A 84 5.40 19.50 2.50
C CYS A 84 6.23 20.05 1.33
N ALA A 85 7.44 19.49 1.10
CA ALA A 85 8.23 19.82 -0.07
C ALA A 85 8.02 18.77 -1.16
N GLY A 86 7.84 19.20 -2.39
CA GLY A 86 7.81 18.25 -3.49
C GLY A 86 9.22 17.76 -3.81
N ASN A 87 9.29 16.61 -4.48
CA ASN A 87 10.54 15.95 -4.69
C ASN A 87 11.49 16.78 -5.56
N GLU A 88 10.97 17.69 -6.38
CA GLU A 88 11.85 18.53 -7.23
C GLU A 88 11.79 19.99 -6.80
N ASP A 89 11.37 20.29 -5.57
CA ASP A 89 11.41 21.69 -5.08
C ASP A 89 12.86 22.10 -4.82
N ILE A 90 13.13 23.38 -5.03
CA ILE A 90 14.36 23.99 -4.58
C ILE A 90 14.15 24.34 -3.11
N ILE A 91 15.05 23.89 -2.26
CA ILE A 91 14.87 24.10 -0.82
C ILE A 91 15.96 25.04 -0.31
N THR A 92 15.54 26.12 0.35
CA THR A 92 16.45 27.05 1.02
C THR A 92 16.27 26.92 2.52
N LEU A 93 17.38 26.82 3.25
CA LEU A 93 17.38 26.94 4.71
C LEU A 93 17.93 28.32 5.09
N ARG A 94 17.36 28.94 6.13
CA ARG A 94 17.80 30.25 6.58
C ARG A 94 17.74 30.28 8.12
N ALA A 95 18.80 30.76 8.77
CA ALA A 95 18.76 31.00 10.22
C ALA A 95 19.62 32.21 10.59
N GLU A 96 19.15 32.99 11.57
CA GLU A 96 19.89 34.09 12.24
C GLU A 96 20.70 33.47 13.41
N ASP A 97 21.85 34.06 13.77
CA ASP A 97 22.91 33.37 14.57
C ASP A 97 22.50 33.17 16.04
N ASN A 98 21.72 34.07 16.61
CA ASN A 98 21.00 33.74 17.84
C ASN A 98 19.52 33.83 17.51
N ALA A 99 19.01 32.74 16.94
CA ALA A 99 17.60 32.60 16.63
C ALA A 99 17.05 31.33 17.29
N ASP A 100 15.76 31.37 17.58
CA ASP A 100 15.08 30.23 18.13
C ASP A 100 14.34 29.49 17.01
N THR A 101 14.52 29.88 15.73
CA THR A 101 13.79 29.25 14.62
C THR A 101 14.69 29.09 13.38
N LEU A 102 14.34 28.06 12.59
CA LEU A 102 14.89 27.80 11.25
C LEU A 102 13.78 28.09 10.23
N ALA A 103 14.12 28.80 9.16
CA ALA A 103 13.17 29.02 8.08
C ALA A 103 13.48 28.02 6.95
N LEU A 104 12.43 27.41 6.40
CA LEU A 104 12.57 26.53 5.23
C LEU A 104 11.65 27.08 4.14
N VAL A 105 12.23 27.36 2.98
CA VAL A 105 11.50 27.90 1.85
C VAL A 105 11.53 26.85 0.74
N PHE A 106 10.36 26.55 0.17
CA PHE A 106 10.27 25.56 -0.89
C PHE A 106 9.72 26.26 -2.14
N GLU A 107 10.50 26.22 -3.21
CA GLU A 107 10.12 26.79 -4.47
C GLU A 107 9.84 25.66 -5.46
N ALA A 108 8.58 25.61 -5.88
CA ALA A 108 8.14 24.64 -6.84
C ALA A 108 8.75 25.00 -8.20
N PRO A 109 9.26 24.00 -8.91
CA PRO A 109 9.95 24.32 -10.14
C PRO A 109 8.96 24.65 -11.27
N ASN A 110 9.31 25.68 -12.07
CA ASN A 110 8.48 26.05 -13.24
C ASN A 110 7.06 26.40 -12.78
N GLN A 111 6.89 27.16 -11.71
CA GLN A 111 5.54 27.40 -11.13
C GLN A 111 5.63 28.51 -10.09
N GLU A 112 4.62 29.37 -10.08
CA GLU A 112 4.52 30.46 -9.15
C GLU A 112 3.88 29.97 -7.86
N LYS A 113 4.64 29.12 -7.17
CA LYS A 113 4.24 28.61 -5.88
C LYS A 113 5.47 28.56 -4.99
N VAL A 114 5.32 29.16 -3.82
CA VAL A 114 6.39 29.26 -2.82
C VAL A 114 5.77 28.94 -1.47
N SER A 115 6.46 28.10 -0.71
CA SER A 115 6.02 27.73 0.61
C SER A 115 7.09 28.17 1.62
N ASP A 116 6.68 28.71 2.76
CA ASP A 116 7.60 29.17 3.82
C ASP A 116 7.20 28.52 5.14
N TYR A 117 8.13 27.87 5.81
CA TYR A 117 7.86 27.22 7.08
C TYR A 117 8.88 27.77 8.10
N GLU A 118 8.41 27.91 9.31
CA GLU A 118 9.22 28.35 10.41
C GLU A 118 9.15 27.26 11.49
N MET A 119 10.28 26.66 11.75
CA MET A 119 10.38 25.56 12.70
C MET A 119 11.08 26.07 13.97
N LYS A 120 10.52 25.74 15.11
CA LYS A 120 11.11 26.11 16.38
C LYS A 120 12.34 25.21 16.64
N LEU A 121 13.42 25.79 17.10
CA LEU A 121 14.59 25.01 17.50
C LEU A 121 14.45 24.63 18.99
N MET A 122 15.43 23.92 19.53
CA MET A 122 15.45 23.53 20.93
C MET A 122 16.90 23.59 21.40
N ASP A 123 17.16 23.74 22.70
CA ASP A 123 18.54 23.73 23.22
C ASP A 123 18.91 22.30 23.64
N LEU A 124 20.13 21.87 23.28
CA LEU A 124 20.48 20.46 23.39
C LEU A 124 21.86 20.27 24.01
N ASP A 125 21.88 19.48 25.09
CA ASP A 125 23.10 18.90 25.63
C ASP A 125 23.66 17.92 24.59
N VAL A 126 24.96 17.90 24.41
CA VAL A 126 25.54 17.09 23.35
C VAL A 126 26.94 16.62 23.77
N GLU A 127 27.08 15.31 24.03
CA GLU A 127 28.40 14.66 24.09
C GLU A 127 29.09 14.86 22.73
N GLN A 128 30.39 15.10 22.73
CA GLN A 128 31.14 15.05 21.49
C GLN A 128 32.00 13.78 21.49
N LEU A 129 31.65 12.87 20.59
CA LEU A 129 32.48 11.69 20.37
C LEU A 129 33.56 12.05 19.35
N GLY A 130 34.62 11.29 19.36
CA GLY A 130 35.59 11.46 18.32
C GLY A 130 36.02 10.11 17.80
N ILE A 131 35.93 9.97 16.50
CA ILE A 131 36.35 8.75 15.86
C ILE A 131 37.66 9.06 15.17
N PRO A 132 38.70 8.29 15.47
CA PRO A 132 39.98 8.45 14.83
C PRO A 132 40.00 7.79 13.45
N GLU A 133 41.14 7.95 12.79
CA GLU A 133 41.41 7.28 11.54
C GLU A 133 41.63 5.81 11.84
N GLN A 134 41.05 4.97 11.00
CA GLN A 134 40.94 3.55 11.25
C GLN A 134 41.34 2.83 9.97
N GLU A 135 42.17 1.81 10.09
CA GLU A 135 42.39 0.89 9.00
C GLU A 135 41.42 -0.27 9.19
N TYR A 136 40.67 -0.61 8.14
CA TYR A 136 39.65 -1.64 8.25
C TYR A 136 40.18 -2.95 7.65
N SER A 137 40.04 -4.06 8.36
CA SER A 137 40.54 -5.36 7.83
C SER A 137 39.79 -5.75 6.55
N CYS A 138 38.48 -5.45 6.47
CA CYS A 138 37.71 -5.77 5.29
CA CYS A 138 37.68 -5.78 5.30
C CYS A 138 36.75 -4.61 4.94
N VAL A 139 36.74 -4.25 3.69
CA VAL A 139 35.82 -3.28 3.14
C VAL A 139 35.06 -3.97 2.01
N VAL A 140 33.72 -3.86 2.02
CA VAL A 140 32.81 -4.47 1.04
C VAL A 140 32.00 -3.35 0.37
N LYS A 141 32.06 -3.20 -0.94
CA LYS A 141 31.15 -2.30 -1.66
CA LYS A 141 31.15 -2.30 -1.67
C LYS A 141 30.15 -3.18 -2.41
N MET A 142 28.86 -2.86 -2.30
CA MET A 142 27.81 -3.70 -2.87
C MET A 142 26.57 -2.84 -3.14
N PRO A 143 25.63 -3.36 -3.93
CA PRO A 143 24.45 -2.52 -4.16
C PRO A 143 23.71 -2.28 -2.83
N SER A 144 23.19 -1.09 -2.65
CA SER A 144 22.44 -0.73 -1.44
C SER A 144 21.13 -1.52 -1.33
N GLY A 145 20.45 -1.76 -2.45
CA GLY A 145 19.23 -2.54 -2.48
C GLY A 145 19.49 -3.96 -2.01
N GLU A 146 20.63 -4.54 -2.37
CA GLU A 146 20.95 -5.91 -1.97
CA GLU A 146 20.93 -5.90 -1.97
C GLU A 146 21.17 -5.96 -0.46
N PHE A 147 21.87 -4.96 0.10
CA PHE A 147 22.10 -4.95 1.55
C PHE A 147 20.76 -4.80 2.30
N ALA A 148 19.89 -3.88 1.87
CA ALA A 148 18.58 -3.67 2.48
C ALA A 148 17.75 -4.98 2.44
N ARG A 149 17.81 -5.70 1.35
CA ARG A 149 17.10 -7.00 1.19
C ARG A 149 17.65 -8.05 2.18
N ILE A 150 18.97 -8.14 2.24
CA ILE A 150 19.59 -9.12 3.12
C ILE A 150 19.20 -8.87 4.58
N CYS A 151 19.30 -7.63 5.04
CA CYS A 151 19.02 -7.29 6.45
C CYS A 151 17.52 -7.53 6.78
N ARG A 152 16.64 -7.24 5.85
CA ARG A 152 15.19 -7.47 6.01
C ARG A 152 14.91 -8.98 6.07
N ASP A 153 15.42 -9.73 5.09
CA ASP A 153 15.19 -11.17 5.01
C ASP A 153 15.79 -11.88 6.23
N LEU A 154 17.03 -11.56 6.62
CA LEU A 154 17.59 -12.27 7.80
C LEU A 154 16.87 -11.89 9.09
N SER A 155 16.25 -10.72 9.16
CA SER A 155 15.57 -10.34 10.37
C SER A 155 14.34 -11.23 10.63
N HIS A 156 13.79 -11.93 9.64
CA HIS A 156 12.71 -12.92 9.87
C HIS A 156 13.26 -14.25 10.40
N ILE A 157 14.58 -14.42 10.45
CA ILE A 157 15.21 -15.67 10.88
C ILE A 157 15.75 -15.47 12.30
N GLY A 158 16.30 -14.29 12.63
CA GLY A 158 16.87 -14.10 13.95
C GLY A 158 17.05 -12.63 14.26
N ASP A 159 17.57 -12.29 15.43
CA ASP A 159 17.74 -10.87 15.79
C ASP A 159 19.18 -10.42 15.55
N ALA A 160 20.06 -11.36 15.19
CA ALA A 160 21.48 -11.12 15.09
C ALA A 160 22.01 -11.67 13.77
N VAL A 161 22.94 -10.96 13.14
CA VAL A 161 23.57 -11.40 11.93
C VAL A 161 25.06 -11.53 12.21
N VAL A 162 25.66 -12.65 11.77
CA VAL A 162 27.11 -12.85 11.72
C VAL A 162 27.55 -12.50 10.30
N ILE A 163 28.44 -11.52 10.18
CA ILE A 163 29.07 -11.12 8.91
C ILE A 163 30.49 -11.69 8.87
N SER A 164 30.76 -12.56 7.92
CA SER A 164 32.11 -13.10 7.70
C SER A 164 32.61 -12.64 6.32
N CYS A 165 33.86 -12.18 6.27
CA CYS A 165 34.57 -11.87 5.02
C CYS A 165 35.73 -12.83 4.82
N ALA A 166 35.87 -13.30 3.60
CA ALA A 166 36.96 -14.21 3.21
C ALA A 166 37.25 -13.99 1.71
N LYS A 167 38.13 -14.82 1.14
CA LYS A 167 38.54 -14.72 -0.29
C LYS A 167 37.32 -14.91 -1.21
N ASP A 168 36.62 -16.04 -1.08
CA ASP A 168 35.38 -16.28 -1.85
C ASP A 168 34.53 -14.99 -1.89
N GLY A 169 34.19 -14.49 -0.70
CA GLY A 169 33.48 -13.21 -0.60
C GLY A 169 32.96 -12.97 0.81
N VAL A 170 31.74 -12.44 0.89
CA VAL A 170 31.14 -12.07 2.15
C VAL A 170 29.90 -12.94 2.38
N LYS A 171 29.73 -13.37 3.62
CA LYS A 171 28.63 -14.19 4.06
C LYS A 171 27.91 -13.52 5.24
N PHE A 172 26.57 -13.58 5.23
CA PHE A 172 25.69 -13.08 6.28
C PHE A 172 24.85 -14.25 6.84
N SER A 173 24.83 -14.44 8.14
CA SER A 173 24.24 -15.63 8.73
C SER A 173 23.35 -15.23 9.90
N ALA A 174 22.25 -15.96 10.10
CA ALA A 174 21.40 -15.80 11.27
C ALA A 174 20.70 -17.12 11.56
N SER A 175 20.24 -17.27 12.79
CA SER A 175 19.48 -18.43 13.18
C SER A 175 18.51 -18.05 14.29
N GLY A 176 17.47 -18.85 14.38
CA GLY A 176 16.38 -18.62 15.34
C GLY A 176 15.43 -19.81 15.40
N GLU A 177 14.22 -19.56 15.85
CA GLU A 177 13.29 -20.65 16.12
C GLU A 177 12.80 -21.35 14.83
N LEU A 178 12.79 -20.69 13.65
CA LEU A 178 12.40 -21.29 12.35
C LEU A 178 13.52 -22.19 11.79
N GLY A 179 14.77 -21.99 12.21
CA GLY A 179 15.91 -22.62 11.54
C GLY A 179 17.04 -21.63 11.30
N ASN A 180 17.87 -21.86 10.30
CA ASN A 180 19.13 -21.11 10.06
CA ASN A 180 19.02 -20.95 10.11
C ASN A 180 19.15 -20.58 8.63
N GLY A 181 19.92 -19.53 8.39
CA GLY A 181 20.10 -18.98 7.05
C GLY A 181 21.49 -18.40 6.87
N ASN A 182 22.08 -18.65 5.71
CA ASN A 182 23.34 -18.01 5.29
C ASN A 182 23.12 -17.41 3.92
N ILE A 183 23.58 -16.20 3.74
CA ILE A 183 23.58 -15.63 2.42
C ILE A 183 25.02 -15.30 2.03
N LYS A 184 25.47 -15.79 0.88
CA LYS A 184 26.84 -15.64 0.41
C LYS A 184 26.85 -14.75 -0.82
N LEU A 185 27.54 -13.60 -0.77
CA LEU A 185 27.77 -12.74 -1.98
C LEU A 185 29.21 -12.92 -2.43
N SER A 186 29.40 -13.23 -3.70
CA SER A 186 30.73 -13.43 -4.24
C SER A 186 31.15 -12.17 -4.95
N GLN A 187 32.45 -11.94 -4.98
CA GLN A 187 33.05 -10.88 -5.74
C GLN A 187 32.56 -10.99 -7.19
N THR A 188 32.10 -9.91 -7.81
CA THR A 188 31.58 -9.97 -9.19
C THR A 188 32.71 -9.82 -10.23
N SER A 189 32.84 -10.83 -11.09
CA SER A 189 33.56 -10.68 -12.36
C SER A 189 32.59 -10.13 -13.42
N ASN A 190 33.03 -9.11 -14.16
CA ASN A 190 32.23 -8.54 -15.26
C ASN A 190 32.96 -8.79 -16.58
N GLU A 194 28.26 -1.04 -13.47
CA GLU A 194 29.23 -0.50 -12.51
C GLU A 194 28.66 -0.61 -11.08
N GLU A 195 27.40 -0.19 -10.95
CA GLU A 195 26.67 -0.15 -9.69
C GLU A 195 26.45 -1.56 -9.13
N GLU A 196 26.26 -2.55 -10.02
CA GLU A 196 25.84 -3.91 -9.64
C GLU A 196 26.99 -4.71 -9.03
N ALA A 197 28.19 -4.12 -9.00
CA ALA A 197 29.38 -4.84 -8.56
C ALA A 197 29.30 -5.08 -7.04
N VAL A 198 29.85 -6.22 -6.66
CA VAL A 198 30.25 -6.52 -5.33
C VAL A 198 31.78 -6.64 -5.33
N THR A 199 32.41 -5.78 -4.54
CA THR A 199 33.85 -5.60 -4.47
C THR A 199 34.32 -5.85 -3.04
N ILE A 200 35.30 -6.71 -2.86
CA ILE A 200 35.82 -6.95 -1.54
C ILE A 200 37.32 -6.66 -1.52
N GLU A 201 37.72 -5.89 -0.55
CA GLU A 201 39.10 -5.63 -0.31
C GLU A 201 39.40 -6.03 1.13
N MET A 202 40.21 -7.05 1.34
CA MET A 202 40.44 -7.45 2.71
C MET A 202 41.92 -7.79 2.92
N ASN A 203 42.35 -7.40 4.11
CA ASN A 203 43.69 -7.59 4.55
C ASN A 203 43.71 -8.86 5.41
N GLU A 204 42.79 -8.95 6.39
CA GLU A 204 42.66 -10.14 7.24
C GLU A 204 41.19 -10.57 7.28
N PRO A 205 40.90 -11.89 7.31
CA PRO A 205 39.49 -12.30 7.42
C PRO A 205 38.87 -11.84 8.76
N VAL A 206 37.58 -11.53 8.75
CA VAL A 206 36.93 -11.00 9.93
C VAL A 206 35.58 -11.70 10.09
N GLN A 207 35.12 -11.83 11.33
CA GLN A 207 33.79 -12.34 11.64
C GLN A 207 33.24 -11.60 12.87
N LEU A 208 32.17 -10.81 12.67
CA LEU A 208 31.51 -10.06 13.76
C LEU A 208 29.99 -10.31 13.74
N THR A 209 29.38 -10.11 14.90
CA THR A 209 27.98 -10.26 15.11
C THR A 209 27.37 -8.91 15.49
N PHE A 210 26.21 -8.59 14.91
CA PHE A 210 25.53 -7.28 15.00
C PHE A 210 24.00 -7.45 15.16
N ALA A 211 23.37 -6.47 15.78
CA ALA A 211 21.93 -6.49 16.00
C ALA A 211 21.22 -6.06 14.73
N LEU A 212 20.34 -6.93 14.20
CA LEU A 212 19.70 -6.67 12.92
C LEU A 212 18.72 -5.50 13.07
N ARG A 213 18.13 -5.29 14.23
CA ARG A 213 17.17 -4.17 14.30
C ARG A 213 17.86 -2.82 14.01
N TYR A 214 19.15 -2.65 14.34
CA TYR A 214 19.80 -1.37 13.98
C TYR A 214 20.15 -1.33 12.49
N LEU A 215 20.64 -2.41 11.94
CA LEU A 215 20.92 -2.41 10.52
C LEU A 215 19.66 -2.07 9.71
N ASN A 216 18.49 -2.47 10.17
CA ASN A 216 17.24 -2.16 9.46
C ASN A 216 16.84 -0.68 9.63
N PHE A 217 17.31 0.04 10.64
CA PHE A 217 17.21 1.53 10.64
C PHE A 217 18.22 2.15 9.66
N PHE A 218 19.45 1.63 9.59
CA PHE A 218 20.46 2.21 8.68
C PHE A 218 19.98 2.18 7.23
N THR A 219 19.32 1.07 6.83
CA THR A 219 18.94 0.88 5.44
C THR A 219 17.77 1.80 5.05
N LYS A 220 17.23 2.63 5.95
CA LYS A 220 16.32 3.71 5.52
C LYS A 220 17.06 4.79 4.69
N ALA A 221 18.41 4.78 4.68
CA ALA A 221 19.21 5.64 3.81
C ALA A 221 19.29 5.10 2.37
N THR A 222 18.75 3.93 2.08
CA THR A 222 18.93 3.29 0.77
C THR A 222 18.58 4.23 -0.41
N PRO A 223 17.58 5.09 -0.28
CA PRO A 223 17.30 6.03 -1.40
C PRO A 223 18.40 7.06 -1.74
N LEU A 224 19.38 7.26 -0.88
CA LEU A 224 20.41 8.29 -1.09
C LEU A 224 21.46 7.83 -2.10
N SER A 225 21.56 6.54 -2.30
CA SER A 225 22.65 5.99 -3.07
C SER A 225 22.30 4.58 -3.55
N SER A 226 22.82 4.26 -4.72
CA SER A 226 22.68 2.94 -5.29
C SER A 226 23.74 1.99 -4.75
N THR A 227 24.74 2.46 -3.99
CA THR A 227 25.72 1.53 -3.37
C THR A 227 25.92 1.87 -1.89
N VAL A 228 26.52 0.89 -1.19
CA VAL A 228 26.83 1.01 0.20
C VAL A 228 28.17 0.30 0.43
N THR A 229 28.89 0.80 1.42
CA THR A 229 30.19 0.28 1.79
C THR A 229 30.13 -0.17 3.25
N LEU A 230 30.61 -1.36 3.51
CA LEU A 230 30.62 -1.89 4.85
C LEU A 230 32.09 -1.99 5.24
N SER A 231 32.47 -1.50 6.42
CA SER A 231 33.89 -1.58 6.81
C SER A 231 33.99 -2.22 8.19
N MET A 232 34.83 -3.22 8.28
CA MET A 232 34.86 -4.06 9.48
C MET A 232 36.28 -4.37 9.93
N SER A 233 36.49 -4.38 11.25
CA SER A 233 37.71 -4.91 11.88
C SER A 233 37.31 -5.62 13.16
N ALA A 234 38.19 -6.52 13.60
CA ALA A 234 37.89 -7.52 14.64
C ALA A 234 37.30 -6.90 15.93
N ASP A 235 37.74 -5.77 16.45
CA ASP A 235 37.10 -5.45 17.74
C ASP A 235 36.32 -4.12 17.70
N VAL A 236 35.98 -3.62 16.52
CA VAL A 236 35.50 -2.24 16.50
C VAL A 236 34.15 -2.17 15.79
N PRO A 237 33.43 -1.05 15.96
CA PRO A 237 32.11 -0.94 15.36
C PRO A 237 32.16 -1.09 13.82
N LEU A 238 31.11 -1.70 13.30
CA LEU A 238 30.89 -1.73 11.86
C LEU A 238 30.64 -0.29 11.37
N VAL A 239 31.13 0.07 10.19
CA VAL A 239 30.69 1.29 9.52
C VAL A 239 29.91 0.93 8.27
N VAL A 240 28.76 1.55 8.14
CA VAL A 240 27.93 1.44 6.96
C VAL A 240 27.82 2.83 6.34
N GLU A 241 28.35 3.02 5.12
CA GLU A 241 28.44 4.35 4.53
C GLU A 241 27.64 4.46 3.24
N TYR A 242 26.80 5.48 3.15
CA TYR A 242 26.07 5.84 1.93
C TYR A 242 26.56 7.20 1.42
N LYS A 243 26.93 7.33 0.13
CA LYS A 243 27.35 8.64 -0.43
C LYS A 243 26.13 9.46 -0.87
N ILE A 244 26.20 10.74 -0.64
CA ILE A 244 25.09 11.60 -0.95
C ILE A 244 25.49 12.47 -2.13
N ALA A 245 24.80 12.29 -3.26
CA ALA A 245 25.08 12.97 -4.53
C ALA A 245 26.61 13.07 -4.69
N ASP A 246 27.15 14.27 -4.81
CA ASP A 246 28.58 14.38 -4.86
C ASP A 246 29.00 15.40 -3.79
N MET A 247 28.22 15.47 -2.71
CA MET A 247 28.36 16.52 -1.75
C MET A 247 28.58 16.00 -0.32
N GLY A 248 28.65 14.71 -0.09
CA GLY A 248 28.91 14.24 1.27
C GLY A 248 28.52 12.78 1.49
N HIS A 249 28.20 12.46 2.72
CA HIS A 249 27.92 11.09 3.10
C HIS A 249 27.14 11.03 4.41
N LEU A 250 26.54 9.86 4.60
CA LEU A 250 25.90 9.44 5.81
C LEU A 250 26.56 8.13 6.25
N LYS A 251 27.16 8.15 7.42
CA LYS A 251 27.88 7.01 7.95
C LYS A 251 27.17 6.53 9.21
N TYR A 252 26.94 5.24 9.30
CA TYR A 252 26.39 4.63 10.49
C TYR A 252 27.44 3.71 11.12
N TYR A 253 27.66 3.90 12.43
CA TYR A 253 28.57 3.09 13.19
C TYR A 253 27.75 2.20 14.11
N LEU A 254 28.13 0.94 14.24
CA LEU A 254 27.37 0.03 15.13
C LEU A 254 28.33 -0.87 15.90
N ALA A 255 28.17 -0.85 17.21
CA ALA A 255 28.99 -1.64 18.10
C ALA A 255 28.66 -3.12 17.94
N PRO A 256 29.65 -4.00 17.89
CA PRO A 256 29.37 -5.44 17.81
C PRO A 256 28.67 -6.03 19.06
N LYS A 257 27.96 -7.14 18.87
CA LYS A 257 27.29 -7.85 19.99
C LYS A 257 28.31 -8.69 20.75
N ILE A 258 27.86 -9.25 21.87
CA ILE A 258 28.72 -10.02 22.77
C ILE A 258 27.94 -11.24 23.28
N MET B 4 -41.49 4.52 -13.30
CA MET B 4 -40.19 4.00 -13.80
C MET B 4 -39.19 5.15 -13.96
N PHE B 5 -38.11 5.06 -13.18
CA PHE B 5 -36.92 5.80 -13.38
C PHE B 5 -35.85 4.86 -13.93
N GLU B 6 -35.17 5.31 -14.97
CA GLU B 6 -34.11 4.56 -15.55
C GLU B 6 -33.14 5.56 -16.17
N ALA B 7 -31.87 5.48 -15.74
CA ALA B 7 -30.79 6.33 -16.26
C ALA B 7 -29.55 5.48 -16.57
N ARG B 8 -29.12 5.53 -17.82
CA ARG B 8 -27.96 4.83 -18.34
C ARG B 8 -26.80 5.80 -18.48
N LEU B 9 -25.69 5.48 -17.82
CA LEU B 9 -24.46 6.28 -17.93
C LEU B 9 -23.30 5.41 -18.47
N VAL B 10 -22.84 5.73 -19.67
CA VAL B 10 -21.80 4.95 -20.36
C VAL B 10 -20.49 5.12 -19.60
N GLN B 11 -20.18 6.34 -19.21
CA GLN B 11 -19.00 6.60 -18.35
C GLN B 11 -19.35 6.36 -16.88
N GLY B 12 -19.53 5.09 -16.51
CA GLY B 12 -19.95 4.70 -15.15
C GLY B 12 -18.98 5.15 -14.07
N SER B 13 -17.70 5.34 -14.42
CA SER B 13 -16.71 5.83 -13.46
C SER B 13 -17.13 7.17 -12.83
N ILE B 14 -17.98 7.97 -13.48
CA ILE B 14 -18.41 9.23 -12.85
C ILE B 14 -19.19 8.94 -11.56
N LEU B 15 -20.13 8.03 -11.61
CA LEU B 15 -20.89 7.66 -10.43
C LEU B 15 -19.99 7.08 -9.32
N LYS B 16 -19.04 6.21 -9.67
CA LYS B 16 -18.06 5.67 -8.72
C LYS B 16 -17.42 6.83 -7.98
N LYS B 17 -16.95 7.82 -8.73
CA LYS B 17 -16.18 8.91 -8.15
C LYS B 17 -17.06 9.77 -7.26
N VAL B 18 -18.28 10.00 -7.71
CA VAL B 18 -19.25 10.78 -6.91
C VAL B 18 -19.50 10.08 -5.57
N LEU B 19 -19.73 8.77 -5.55
CA LEU B 19 -19.91 8.13 -4.19
C LEU B 19 -18.65 8.23 -3.33
N GLU B 20 -17.46 8.09 -3.91
CA GLU B 20 -16.24 8.18 -3.11
C GLU B 20 -16.05 9.59 -2.58
N ALA B 21 -16.61 10.58 -3.27
CA ALA B 21 -16.52 12.00 -2.84
C ALA B 21 -17.54 12.35 -1.75
N LEU B 22 -18.55 11.52 -1.55
CA LEU B 22 -19.65 11.82 -0.61
C LEU B 22 -19.54 10.97 0.67
N LYS B 23 -19.17 9.70 0.50
CA LYS B 23 -19.41 8.69 1.55
C LYS B 23 -18.59 8.99 2.81
N ASP B 24 -17.47 9.68 2.76
CA ASP B 24 -16.81 9.96 4.03
C ASP B 24 -17.40 11.21 4.72
N LEU B 25 -18.11 12.06 4.01
CA LEU B 25 -18.60 13.30 4.62
C LEU B 25 -20.04 13.09 5.12
N ILE B 26 -20.86 12.35 4.36
CA ILE B 26 -22.30 12.14 4.57
CA ILE B 26 -22.24 12.13 4.78
C ILE B 26 -22.56 10.64 4.77
N ASN B 27 -23.36 10.20 5.74
CA ASN B 27 -23.68 8.77 5.92
C ASN B 27 -24.86 8.36 5.02
N GLU B 28 -25.87 9.22 4.93
CA GLU B 28 -27.09 8.89 4.26
C GLU B 28 -27.69 10.19 3.71
N ALA B 29 -28.38 10.08 2.59
CA ALA B 29 -28.94 11.27 1.96
C ALA B 29 -30.11 10.86 1.08
N CYS B 30 -30.97 11.85 0.90
CA CYS B 30 -32.12 11.69 0.07
C CYS B 30 -31.77 12.14 -1.36
N TRP B 31 -31.93 11.25 -2.33
CA TRP B 31 -31.73 11.55 -3.75
C TRP B 31 -33.05 12.05 -4.38
N ASP B 32 -33.18 13.32 -4.68
CA ASP B 32 -34.32 13.88 -5.41
C ASP B 32 -34.11 13.63 -6.91
N ILE B 33 -34.94 12.76 -7.47
CA ILE B 33 -34.89 12.29 -8.84
C ILE B 33 -36.07 12.89 -9.61
N SER B 34 -35.82 13.61 -10.69
CA SER B 34 -36.94 14.14 -11.49
C SER B 34 -36.55 14.13 -12.98
N SER B 35 -37.47 14.64 -13.77
CA SER B 35 -37.35 14.76 -15.24
C SER B 35 -36.13 15.60 -15.60
N SER B 36 -35.73 16.49 -14.71
CA SER B 36 -34.63 17.33 -14.99
C SER B 36 -33.31 16.73 -14.44
N GLY B 37 -33.33 15.72 -13.61
CA GLY B 37 -32.06 15.09 -13.24
C GLY B 37 -32.07 14.55 -11.83
N VAL B 38 -30.87 14.44 -11.31
CA VAL B 38 -30.60 13.93 -9.98
C VAL B 38 -30.00 15.06 -9.13
N ASN B 39 -30.61 15.32 -7.98
CA ASN B 39 -30.14 16.35 -7.06
CA ASN B 39 -30.16 16.35 -7.06
C ASN B 39 -29.96 15.73 -5.67
N LEU B 40 -29.03 16.24 -4.90
CA LEU B 40 -28.83 15.73 -3.57
C LEU B 40 -28.27 16.88 -2.76
N GLN B 41 -28.89 17.19 -1.64
CA GLN B 41 -28.36 18.19 -0.77
C GLN B 41 -28.29 17.56 0.64
N SER B 42 -27.24 17.84 1.41
CA SER B 42 -27.14 17.27 2.77
C SER B 42 -26.08 17.98 3.61
N MET B 43 -26.42 18.39 4.83
CA MET B 43 -25.40 18.83 5.76
C MET B 43 -24.67 17.59 6.30
N ASP B 44 -23.44 17.76 6.78
CA ASP B 44 -22.78 16.66 7.52
C ASP B 44 -23.35 16.63 8.94
N SER B 45 -23.10 15.56 9.68
CA SER B 45 -23.76 15.36 10.98
C SER B 45 -23.49 16.53 11.95
N SER B 46 -22.43 17.30 11.75
CA SER B 46 -22.08 18.39 12.68
C SER B 46 -22.73 19.71 12.23
N HIS B 47 -23.30 19.72 11.04
CA HIS B 47 -23.94 20.94 10.50
C HIS B 47 -22.90 22.04 10.21
N VAL B 48 -21.61 21.69 10.07
CA VAL B 48 -20.58 22.71 9.75
CA VAL B 48 -20.55 22.68 9.76
C VAL B 48 -20.39 22.82 8.23
N SER B 49 -20.85 21.81 7.49
CA SER B 49 -20.65 21.70 6.04
CA SER B 49 -20.65 21.69 6.04
C SER B 49 -21.92 21.17 5.37
N LEU B 50 -22.05 21.45 4.08
CA LEU B 50 -23.18 20.99 3.27
C LEU B 50 -22.68 20.58 1.89
N VAL B 51 -23.25 19.55 1.33
CA VAL B 51 -22.91 19.21 -0.02
CA VAL B 51 -22.93 19.08 0.00
C VAL B 51 -24.17 19.28 -0.88
N GLN B 52 -23.95 19.65 -2.13
CA GLN B 52 -25.00 19.83 -3.12
C GLN B 52 -24.52 19.20 -4.44
N LEU B 53 -25.22 18.22 -4.97
CA LEU B 53 -24.83 17.53 -6.16
C LEU B 53 -25.95 17.71 -7.18
N THR B 54 -25.57 17.95 -8.42
CA THR B 54 -26.51 17.91 -9.53
C THR B 54 -25.92 17.07 -10.66
N LEU B 55 -26.69 16.11 -11.16
CA LEU B 55 -26.41 15.45 -12.38
C LEU B 55 -27.61 15.67 -13.29
N ARG B 56 -27.44 16.45 -14.35
CA ARG B 56 -28.59 16.85 -15.18
C ARG B 56 -28.97 15.68 -16.10
N SER B 57 -30.25 15.57 -16.44
CA SER B 57 -30.74 14.44 -17.27
C SER B 57 -30.01 14.37 -18.61
N GLU B 58 -29.53 15.50 -19.09
CA GLU B 58 -28.88 15.60 -20.38
C GLU B 58 -27.50 14.94 -20.35
N GLY B 59 -26.85 14.85 -19.20
CA GLY B 59 -25.52 14.19 -19.14
C GLY B 59 -25.61 12.68 -19.27
N PHE B 60 -26.82 12.15 -19.13
CA PHE B 60 -27.06 10.71 -19.19
C PHE B 60 -27.22 10.32 -20.67
N ASP B 61 -26.78 9.12 -21.02
CA ASP B 61 -26.92 8.60 -22.37
C ASP B 61 -28.39 8.23 -22.62
N THR B 62 -29.10 7.80 -21.59
CA THR B 62 -30.52 7.49 -21.61
C THR B 62 -31.11 7.95 -20.28
N TYR B 63 -32.31 8.51 -20.28
CA TYR B 63 -32.86 9.00 -19.05
C TYR B 63 -34.38 9.03 -19.13
N ARG B 64 -35.02 8.41 -18.17
CA ARG B 64 -36.43 8.42 -18.12
C ARG B 64 -36.83 8.54 -16.65
N CYS B 65 -37.77 9.45 -16.38
CA CYS B 65 -38.33 9.58 -15.08
C CYS B 65 -39.80 9.99 -15.22
N ASP B 66 -40.70 9.03 -15.02
CA ASP B 66 -42.14 9.23 -15.27
C ASP B 66 -42.79 10.08 -14.16
N ARG B 67 -42.14 10.20 -13.02
CA ARG B 67 -42.70 10.80 -11.83
C ARG B 67 -41.54 11.02 -10.85
N ASN B 68 -41.44 12.20 -10.24
CA ASN B 68 -40.29 12.49 -9.40
C ASN B 68 -40.31 11.59 -8.16
N LEU B 69 -39.11 11.12 -7.76
CA LEU B 69 -38.90 10.21 -6.62
C LEU B 69 -37.99 10.89 -5.61
N ALA B 70 -38.10 10.43 -4.37
CA ALA B 70 -37.17 10.74 -3.31
C ALA B 70 -36.64 9.40 -2.77
N MET B 71 -35.36 9.08 -2.95
CA MET B 71 -34.86 7.77 -2.50
C MET B 71 -33.84 7.99 -1.39
N GLY B 72 -34.16 7.46 -0.22
CA GLY B 72 -33.29 7.52 0.93
C GLY B 72 -32.22 6.43 0.81
N VAL B 73 -30.95 6.82 0.85
CA VAL B 73 -29.84 5.89 0.54
C VAL B 73 -28.78 5.97 1.63
N ASN B 74 -28.30 4.80 2.00
CA ASN B 74 -27.14 4.69 2.86
C ASN B 74 -25.93 4.81 1.93
N LEU B 75 -25.11 5.88 2.03
CA LEU B 75 -24.08 6.12 1.02
C LEU B 75 -22.91 5.14 1.17
N THR B 76 -22.62 4.67 2.38
CA THR B 76 -21.62 3.59 2.57
C THR B 76 -22.08 2.33 1.82
N SER B 77 -23.35 1.97 1.95
CA SER B 77 -23.86 0.81 1.26
C SER B 77 -23.78 0.98 -0.26
N MET B 78 -24.20 2.13 -0.81
CA MET B 78 -24.12 2.33 -2.28
C MET B 78 -22.65 2.38 -2.75
N SER B 79 -21.79 3.02 -1.97
CA SER B 79 -20.34 2.99 -2.24
C SER B 79 -19.79 1.56 -2.31
N LYS B 80 -20.20 0.63 -1.43
CA LYS B 80 -19.70 -0.76 -1.53
C LYS B 80 -20.20 -1.44 -2.81
N ILE B 81 -21.44 -1.16 -3.20
CA ILE B 81 -22.01 -1.77 -4.41
C ILE B 81 -21.31 -1.21 -5.64
N LEU B 82 -21.06 0.10 -5.69
CA LEU B 82 -20.35 0.69 -6.87
C LEU B 82 -18.87 0.27 -6.95
N LYS B 83 -18.24 -0.15 -5.88
CA LYS B 83 -16.90 -0.79 -5.97
C LYS B 83 -16.99 -2.14 -6.70
N CYS B 84 -18.16 -2.73 -6.89
CA CYS B 84 -18.25 -3.95 -7.67
C CYS B 84 -18.36 -3.64 -9.16
N ALA B 85 -18.20 -2.38 -9.53
CA ALA B 85 -18.27 -1.99 -10.91
C ALA B 85 -16.86 -1.67 -11.39
N GLY B 86 -16.50 -2.08 -12.59
CA GLY B 86 -15.25 -1.65 -13.22
C GLY B 86 -15.31 -0.19 -13.67
N ASN B 87 -14.13 0.39 -13.84
CA ASN B 87 -14.01 1.81 -14.22
C ASN B 87 -14.50 2.08 -15.64
N GLU B 88 -14.65 1.06 -16.47
CA GLU B 88 -15.10 1.25 -17.85
CA GLU B 88 -15.06 1.17 -17.87
C GLU B 88 -16.49 0.62 -18.03
N ASP B 89 -17.10 0.19 -16.93
CA ASP B 89 -18.47 -0.35 -17.00
C ASP B 89 -19.45 0.77 -17.35
N ILE B 90 -20.41 0.40 -18.18
CA ILE B 90 -21.66 1.14 -18.34
C ILE B 90 -22.56 0.86 -17.11
N ILE B 91 -23.06 1.90 -16.45
CA ILE B 91 -23.86 1.74 -15.23
C ILE B 91 -25.29 2.27 -15.46
N THR B 92 -26.30 1.44 -15.19
CA THR B 92 -27.72 1.84 -15.29
C THR B 92 -28.36 1.82 -13.92
N LEU B 93 -29.07 2.90 -13.58
CA LEU B 93 -29.88 2.98 -12.39
C LEU B 93 -31.34 2.82 -12.78
N ARG B 94 -32.08 2.02 -12.00
CA ARG B 94 -33.46 1.81 -12.26
C ARG B 94 -34.22 1.75 -10.93
N ALA B 95 -35.41 2.37 -10.90
CA ALA B 95 -36.31 2.27 -9.75
C ALA B 95 -37.79 2.32 -10.21
N GLU B 96 -38.69 1.82 -9.36
CA GLU B 96 -40.16 2.02 -9.52
C GLU B 96 -40.61 3.07 -8.49
N ASP B 97 -41.80 3.61 -8.72
CA ASP B 97 -42.38 4.64 -7.83
C ASP B 97 -42.52 4.07 -6.42
N ASN B 98 -42.94 2.81 -6.39
CA ASN B 98 -43.37 2.11 -5.20
C ASN B 98 -42.44 0.92 -5.01
N ALA B 99 -41.15 1.22 -4.94
CA ALA B 99 -40.12 0.19 -4.74
C ALA B 99 -39.32 0.52 -3.47
N ASP B 100 -38.98 -0.51 -2.74
CA ASP B 100 -38.19 -0.33 -1.55
C ASP B 100 -36.69 -0.36 -1.93
N THR B 101 -36.36 -0.16 -3.21
CA THR B 101 -35.15 -0.75 -3.78
C THR B 101 -34.67 0.05 -4.99
N LEU B 102 -33.35 0.27 -5.09
CA LEU B 102 -32.75 0.84 -6.30
C LEU B 102 -31.94 -0.27 -6.98
N ALA B 103 -32.19 -0.49 -8.27
CA ALA B 103 -31.45 -1.46 -9.04
C ALA B 103 -30.26 -0.76 -9.72
N LEU B 104 -29.07 -1.38 -9.64
CA LEU B 104 -27.90 -0.94 -10.38
C LEU B 104 -27.42 -2.08 -11.27
N VAL B 105 -27.23 -1.80 -12.55
CA VAL B 105 -26.78 -2.78 -13.52
C VAL B 105 -25.44 -2.30 -14.08
N PHE B 106 -24.44 -3.18 -14.00
CA PHE B 106 -23.08 -2.88 -14.51
C PHE B 106 -22.79 -3.80 -15.70
N GLU B 107 -22.58 -3.18 -16.85
CA GLU B 107 -22.26 -3.90 -18.07
C GLU B 107 -20.78 -3.67 -18.41
N ALA B 108 -20.00 -4.76 -18.35
CA ALA B 108 -18.63 -4.76 -18.78
C ALA B 108 -18.61 -4.51 -20.29
N PRO B 109 -17.80 -3.54 -20.73
CA PRO B 109 -18.01 -2.97 -22.07
C PRO B 109 -17.53 -3.91 -23.20
N ASN B 110 -16.39 -4.57 -22.97
CA ASN B 110 -15.71 -5.44 -23.92
C ASN B 110 -15.60 -6.84 -23.30
N GLN B 111 -16.72 -7.37 -22.81
CA GLN B 111 -16.74 -8.67 -22.18
C GLN B 111 -18.20 -9.09 -22.00
N GLU B 112 -18.44 -10.40 -21.88
CA GLU B 112 -19.79 -10.93 -21.69
C GLU B 112 -20.05 -11.13 -20.18
N LYS B 113 -20.16 -10.01 -19.48
CA LYS B 113 -20.34 -9.99 -18.04
C LYS B 113 -21.34 -8.87 -17.71
N VAL B 114 -22.35 -9.24 -16.93
CA VAL B 114 -23.38 -8.28 -16.48
C VAL B 114 -23.69 -8.54 -15.01
N SER B 115 -23.61 -7.49 -14.22
CA SER B 115 -23.89 -7.51 -12.82
C SER B 115 -25.16 -6.68 -12.56
N ASP B 116 -26.09 -7.26 -11.79
CA ASP B 116 -27.31 -6.58 -11.27
C ASP B 116 -27.28 -6.58 -9.73
N TYR B 117 -27.45 -5.43 -9.12
CA TYR B 117 -27.58 -5.33 -7.68
C TYR B 117 -28.90 -4.66 -7.35
N GLU B 118 -29.52 -5.11 -6.29
CA GLU B 118 -30.67 -4.46 -5.72
C GLU B 118 -30.25 -3.88 -4.38
N MET B 119 -30.30 -2.58 -4.22
CA MET B 119 -29.90 -1.98 -2.97
C MET B 119 -31.16 -1.61 -2.19
N LYS B 120 -31.21 -1.96 -0.92
CA LYS B 120 -32.33 -1.58 -0.07
C LYS B 120 -32.28 -0.09 0.24
N LEU B 121 -33.39 0.61 0.06
CA LEU B 121 -33.48 2.04 0.45
C LEU B 121 -33.85 2.18 1.93
N MET B 122 -33.87 3.41 2.45
CA MET B 122 -34.27 3.64 3.83
C MET B 122 -35.10 4.93 3.95
N ASP B 123 -35.82 5.02 5.06
CA ASP B 123 -36.74 6.14 5.34
C ASP B 123 -35.93 7.31 5.92
N LEU B 124 -35.86 8.39 5.19
CA LEU B 124 -35.08 9.52 5.63
C LEU B 124 -35.95 10.79 5.65
N ASP B 125 -35.72 11.64 6.64
CA ASP B 125 -36.32 12.96 6.62
C ASP B 125 -35.19 13.97 6.84
N VAL B 126 -35.05 14.90 5.90
CA VAL B 126 -33.84 15.70 5.78
C VAL B 126 -34.19 17.18 6.02
N GLU B 127 -33.32 17.85 6.79
CA GLU B 127 -33.25 19.30 6.84
C GLU B 127 -32.66 19.78 5.50
N GLN B 128 -33.48 20.54 4.76
CA GLN B 128 -33.05 21.21 3.52
C GLN B 128 -32.89 22.72 3.77
N LEU B 129 -31.82 23.30 3.23
CA LEU B 129 -31.49 24.71 3.46
C LEU B 129 -31.75 25.48 2.17
N GLY B 130 -32.14 26.73 2.30
CA GLY B 130 -32.21 27.61 1.14
C GLY B 130 -30.99 28.52 1.09
N ILE B 131 -30.25 28.41 -0.01
CA ILE B 131 -28.98 29.10 -0.17
C ILE B 131 -29.14 30.21 -1.22
N PRO B 132 -29.30 31.47 -0.79
CA PRO B 132 -29.42 32.52 -1.78
C PRO B 132 -28.20 32.57 -2.71
N GLU B 133 -28.45 32.66 -4.03
CA GLU B 133 -27.42 32.98 -5.01
C GLU B 133 -26.76 34.30 -4.60
N GLN B 134 -25.44 34.40 -4.76
CA GLN B 134 -24.78 35.61 -4.32
C GLN B 134 -23.49 35.85 -5.10
N GLU B 135 -23.03 37.07 -4.97
CA GLU B 135 -21.84 37.58 -5.58
C GLU B 135 -20.75 37.49 -4.50
N TYR B 136 -19.67 36.77 -4.78
CA TYR B 136 -18.64 36.54 -3.78
C TYR B 136 -17.57 37.63 -3.94
N SER B 137 -16.97 38.06 -2.86
CA SER B 137 -15.84 39.00 -2.88
C SER B 137 -14.63 38.46 -3.67
N CYS B 138 -14.32 37.20 -3.46
CA CYS B 138 -13.23 36.53 -4.11
C CYS B 138 -13.60 35.20 -4.66
N VAL B 139 -13.28 34.96 -5.90
CA VAL B 139 -13.48 33.67 -6.54
C VAL B 139 -12.12 33.21 -7.09
N VAL B 140 -11.54 32.16 -6.52
CA VAL B 140 -10.25 31.59 -6.99
C VAL B 140 -10.50 30.34 -7.84
N LYS B 141 -9.94 30.29 -9.04
CA LYS B 141 -9.93 29.08 -9.81
C LYS B 141 -8.51 28.54 -9.87
N MET B 142 -8.32 27.28 -9.53
CA MET B 142 -6.99 26.66 -9.49
C MET B 142 -7.09 25.15 -9.80
N PRO B 143 -5.94 24.51 -9.97
CA PRO B 143 -5.87 23.06 -10.19
C PRO B 143 -6.32 22.33 -8.91
N SER B 144 -7.16 21.34 -9.10
CA SER B 144 -7.75 20.56 -7.98
C SER B 144 -6.63 19.80 -7.25
N GLY B 145 -5.68 19.27 -8.02
CA GLY B 145 -4.51 18.55 -7.45
C GLY B 145 -3.70 19.44 -6.54
N GLU B 146 -3.59 20.70 -6.91
CA GLU B 146 -2.81 21.63 -6.13
C GLU B 146 -3.53 21.91 -4.81
N PHE B 147 -4.81 22.27 -4.90
CA PHE B 147 -5.63 22.45 -3.70
C PHE B 147 -5.59 21.22 -2.75
N ALA B 148 -5.73 20.02 -3.25
CA ALA B 148 -5.66 18.78 -2.42
C ALA B 148 -4.29 18.70 -1.73
N ARG B 149 -3.24 19.01 -2.50
CA ARG B 149 -1.88 18.90 -1.99
C ARG B 149 -1.70 19.96 -0.88
N ILE B 150 -2.21 21.17 -1.10
CA ILE B 150 -2.08 22.23 -0.09
C ILE B 150 -2.79 21.80 1.19
N CYS B 151 -4.02 21.27 1.09
CA CYS B 151 -4.79 20.87 2.29
C CYS B 151 -4.15 19.68 3.04
N ARG B 152 -3.62 18.73 2.30
CA ARG B 152 -2.90 17.60 2.90
C ARG B 152 -1.66 18.12 3.66
N ASP B 153 -0.79 18.87 3.01
CA ASP B 153 0.47 19.36 3.63
C ASP B 153 0.24 20.22 4.88
N LEU B 154 -0.75 21.12 4.86
CA LEU B 154 -0.95 22.06 5.98
C LEU B 154 -1.56 21.32 7.18
N SER B 155 -2.20 20.19 6.97
CA SER B 155 -2.79 19.49 8.12
C SER B 155 -1.69 18.73 8.89
N HIS B 156 -0.46 18.67 8.40
CA HIS B 156 0.69 18.26 9.19
C HIS B 156 1.18 19.40 10.11
N ILE B 157 0.71 20.63 9.92
CA ILE B 157 1.18 21.79 10.65
C ILE B 157 0.14 22.19 11.71
N GLY B 158 -1.13 22.23 11.35
CA GLY B 158 -2.20 22.65 12.27
C GLY B 158 -3.53 22.06 11.86
N ASP B 159 -4.60 22.46 12.52
CA ASP B 159 -5.94 21.92 12.23
C ASP B 159 -6.80 22.96 11.48
N ALA B 160 -6.32 24.19 11.40
CA ALA B 160 -7.04 25.23 10.70
C ALA B 160 -6.13 25.90 9.66
N VAL B 161 -6.75 26.43 8.60
CA VAL B 161 -6.04 27.11 7.55
C VAL B 161 -6.67 28.50 7.38
N VAL B 162 -5.82 29.49 7.33
CA VAL B 162 -6.24 30.84 7.01
C VAL B 162 -6.01 31.05 5.50
N ILE B 163 -7.11 31.31 4.80
CA ILE B 163 -7.11 31.56 3.38
C ILE B 163 -7.22 33.07 3.15
N SER B 164 -6.14 33.66 2.60
CA SER B 164 -6.09 35.11 2.29
C SER B 164 -6.05 35.28 0.78
N CYS B 165 -7.01 36.03 0.32
CA CYS B 165 -7.09 36.26 -1.05
C CYS B 165 -6.97 37.73 -1.37
N ALA B 166 -5.98 38.02 -2.20
CA ALA B 166 -5.75 39.36 -2.77
C ALA B 166 -5.72 39.25 -4.30
N LYS B 167 -5.44 40.39 -4.96
CA LYS B 167 -5.58 40.54 -6.43
C LYS B 167 -4.53 39.69 -7.17
N ASP B 168 -3.35 39.66 -6.56
CA ASP B 168 -2.17 39.07 -7.18
C ASP B 168 -2.05 37.57 -6.84
N GLY B 169 -2.63 37.12 -5.75
CA GLY B 169 -2.52 35.73 -5.41
C GLY B 169 -3.37 35.36 -4.21
N VAL B 170 -3.27 34.09 -3.86
CA VAL B 170 -3.97 33.51 -2.73
C VAL B 170 -2.91 32.84 -1.85
N LYS B 171 -3.08 33.01 -0.54
CA LYS B 171 -2.17 32.49 0.44
C LYS B 171 -2.95 31.58 1.40
N PHE B 172 -2.31 30.46 1.72
CA PHE B 172 -2.81 29.49 2.71
C PHE B 172 -1.80 29.33 3.85
N SER B 173 -2.30 29.46 5.08
CA SER B 173 -1.45 29.60 6.28
C SER B 173 -1.97 28.69 7.40
N ALA B 174 -1.06 28.04 8.12
CA ALA B 174 -1.41 27.21 9.28
C ALA B 174 -0.34 27.38 10.37
N SER B 175 -0.70 27.13 11.64
CA SER B 175 0.22 27.25 12.84
C SER B 175 -0.08 26.11 13.82
N GLY B 176 0.95 25.65 14.54
CA GLY B 176 0.81 24.54 15.50
C GLY B 176 2.06 24.37 16.35
N GLU B 177 2.14 23.27 17.06
CA GLU B 177 3.25 22.99 17.97
C GLU B 177 4.60 22.97 17.21
N LEU B 178 4.64 22.54 15.95
CA LEU B 178 5.92 22.47 15.17
C LEU B 178 6.43 23.87 14.85
N GLY B 179 5.49 24.70 14.45
CA GLY B 179 5.79 26.00 13.88
C GLY B 179 4.64 26.42 12.99
N ASN B 180 4.95 27.21 11.97
CA ASN B 180 3.93 27.61 11.04
C ASN B 180 4.47 27.57 9.60
N GLY B 181 3.53 27.71 8.68
CA GLY B 181 3.77 27.56 7.26
C GLY B 181 2.78 28.43 6.49
N ASN B 182 3.23 28.93 5.35
CA ASN B 182 2.46 29.76 4.43
C ASN B 182 2.75 29.26 3.03
N ILE B 183 1.70 29.00 2.26
CA ILE B 183 1.83 28.62 0.85
C ILE B 183 1.17 29.72 0.00
N LYS B 184 1.95 30.30 -0.92
CA LYS B 184 1.51 31.44 -1.75
C LYS B 184 1.46 30.96 -3.20
N LEU B 185 0.27 31.01 -3.79
CA LEU B 185 0.06 30.76 -5.23
C LEU B 185 -0.18 32.09 -5.95
N SER B 186 0.63 32.43 -6.94
CA SER B 186 0.39 33.64 -7.70
C SER B 186 -0.64 33.36 -8.78
N GLN B 187 -1.41 34.40 -9.08
CA GLN B 187 -2.20 34.43 -10.28
C GLN B 187 -1.23 34.23 -11.44
N THR B 188 -1.59 33.37 -12.39
CA THR B 188 -0.76 33.12 -13.54
C THR B 188 -1.30 33.96 -14.70
N SER B 189 -0.44 34.69 -15.42
CA SER B 189 -0.92 35.44 -16.59
C SER B 189 -0.84 34.53 -17.84
N ASN B 190 -0.48 33.26 -17.62
CA ASN B 190 -0.15 32.29 -18.67
C ASN B 190 -0.98 31.03 -18.49
N GLU B 194 -5.42 27.22 -19.92
CA GLU B 194 -5.16 25.86 -19.46
C GLU B 194 -5.78 25.63 -18.08
N GLU B 195 -5.68 24.38 -17.65
CA GLU B 195 -6.15 23.94 -16.37
C GLU B 195 -4.96 23.75 -15.42
N GLU B 196 -3.84 24.48 -15.64
CA GLU B 196 -2.81 24.73 -14.58
C GLU B 196 -2.86 26.21 -14.14
N ALA B 197 -3.78 26.96 -14.72
CA ALA B 197 -4.01 28.34 -14.39
C ALA B 197 -4.44 28.50 -12.92
N VAL B 198 -3.99 29.60 -12.32
CA VAL B 198 -4.55 30.15 -11.12
C VAL B 198 -5.14 31.54 -11.43
N THR B 199 -6.47 31.66 -11.45
CA THR B 199 -7.18 32.90 -11.78
C THR B 199 -8.00 33.38 -10.58
N ILE B 200 -8.09 34.69 -10.40
CA ILE B 200 -8.78 35.30 -9.27
C ILE B 200 -9.67 36.45 -9.76
N GLU B 201 -10.97 36.43 -9.49
CA GLU B 201 -11.87 37.60 -9.65
C GLU B 201 -12.12 38.21 -8.27
N MET B 202 -11.61 39.41 -8.05
CA MET B 202 -11.64 40.09 -6.75
C MET B 202 -12.72 41.16 -6.80
N ASN B 203 -13.28 41.47 -5.64
CA ASN B 203 -14.05 42.67 -5.45
C ASN B 203 -13.47 43.42 -4.24
N GLU B 204 -13.34 42.67 -3.15
CA GLU B 204 -12.66 43.08 -1.94
C GLU B 204 -11.69 41.96 -1.56
N PRO B 205 -10.55 42.29 -0.93
CA PRO B 205 -9.76 41.20 -0.31
C PRO B 205 -10.55 40.56 0.84
N VAL B 206 -10.32 39.26 1.06
CA VAL B 206 -10.93 38.56 2.18
C VAL B 206 -9.92 37.59 2.77
N GLN B 207 -10.03 37.45 4.09
CA GLN B 207 -9.25 36.53 4.91
C GLN B 207 -10.23 35.75 5.80
N LEU B 208 -10.26 34.42 5.69
CA LEU B 208 -11.11 33.58 6.53
C LEU B 208 -10.35 32.34 7.00
N THR B 209 -10.79 31.74 8.11
CA THR B 209 -10.20 30.52 8.66
C THR B 209 -11.18 29.35 8.55
N PHE B 210 -10.65 28.17 8.20
CA PHE B 210 -11.47 26.97 8.05
C PHE B 210 -10.77 25.74 8.66
N ALA B 211 -11.61 24.78 9.06
CA ALA B 211 -11.11 23.50 9.56
C ALA B 211 -10.59 22.64 8.41
N LEU B 212 -9.32 22.24 8.53
CA LEU B 212 -8.69 21.40 7.50
C LEU B 212 -9.31 20.00 7.47
N ARG B 213 -9.83 19.50 8.59
CA ARG B 213 -10.50 18.18 8.58
C ARG B 213 -11.56 18.14 7.45
N TYR B 214 -12.35 19.22 7.28
CA TYR B 214 -13.44 19.23 6.32
C TYR B 214 -12.89 19.47 4.90
N LEU B 215 -11.91 20.37 4.75
CA LEU B 215 -11.36 20.59 3.42
C LEU B 215 -10.80 19.25 2.91
N ASN B 216 -10.07 18.52 3.75
CA ASN B 216 -9.57 17.18 3.36
C ASN B 216 -10.70 16.22 2.96
N PHE B 217 -11.90 16.36 3.49
CA PHE B 217 -12.98 15.50 2.99
C PHE B 217 -13.40 15.94 1.59
N PHE B 218 -13.47 17.26 1.41
CA PHE B 218 -13.91 17.82 0.11
C PHE B 218 -12.96 17.38 -1.02
N THR B 219 -11.65 17.28 -0.74
CA THR B 219 -10.67 16.94 -1.78
C THR B 219 -10.78 15.46 -2.24
N LYS B 220 -11.67 14.65 -1.65
CA LYS B 220 -11.96 13.31 -2.22
C LYS B 220 -12.69 13.42 -3.56
N ALA B 221 -13.20 14.63 -3.89
CA ALA B 221 -13.77 14.95 -5.21
C ALA B 221 -12.71 15.22 -6.30
N THR B 222 -11.41 15.32 -5.98
CA THR B 222 -10.35 15.71 -6.96
C THR B 222 -10.47 14.90 -8.26
N PRO B 223 -10.73 13.59 -8.19
CA PRO B 223 -10.78 12.86 -9.47
C PRO B 223 -11.90 13.26 -10.44
N LEU B 224 -12.85 14.09 -10.03
CA LEU B 224 -13.95 14.44 -10.94
C LEU B 224 -13.49 15.58 -11.84
N SER B 225 -12.48 16.33 -11.48
CA SER B 225 -12.15 17.50 -12.27
C SER B 225 -10.70 17.93 -12.08
N SER B 226 -10.09 18.45 -13.13
CA SER B 226 -8.74 18.96 -13.03
C SER B 226 -8.74 20.38 -12.46
N THR B 227 -9.87 21.04 -12.28
CA THR B 227 -9.81 22.36 -11.61
C THR B 227 -10.83 22.39 -10.48
N VAL B 228 -10.61 23.31 -9.56
CA VAL B 228 -11.54 23.57 -8.48
C VAL B 228 -11.75 25.07 -8.37
N THR B 229 -12.91 25.52 -7.90
CA THR B 229 -13.12 26.95 -7.62
C THR B 229 -13.49 27.14 -6.14
N LEU B 230 -12.84 28.11 -5.51
CA LEU B 230 -13.09 28.59 -4.15
C LEU B 230 -13.80 29.97 -4.21
N SER B 231 -15.01 30.08 -3.69
CA SER B 231 -15.76 31.36 -3.60
C SER B 231 -15.88 31.78 -2.14
N MET B 232 -15.43 33.01 -1.82
CA MET B 232 -15.31 33.48 -0.45
C MET B 232 -15.88 34.90 -0.28
N SER B 233 -16.56 35.14 0.85
CA SER B 233 -16.95 36.49 1.33
C SER B 233 -16.76 36.53 2.85
N ALA B 234 -16.64 37.71 3.46
CA ALA B 234 -16.51 37.74 4.93
C ALA B 234 -17.79 37.22 5.60
N ASP B 235 -17.60 36.50 6.70
CA ASP B 235 -18.66 35.99 7.59
C ASP B 235 -19.72 35.17 6.82
N VAL B 236 -19.32 34.42 5.80
CA VAL B 236 -20.25 33.62 5.00
C VAL B 236 -19.55 32.31 4.59
N PRO B 237 -20.31 31.22 4.40
CA PRO B 237 -19.54 29.98 4.17
C PRO B 237 -18.78 29.99 2.83
N LEU B 238 -17.57 29.43 2.87
CA LEU B 238 -16.77 29.01 1.68
C LEU B 238 -17.59 28.08 0.78
N VAL B 239 -17.53 28.24 -0.53
CA VAL B 239 -18.03 27.27 -1.51
C VAL B 239 -16.83 26.66 -2.26
N VAL B 240 -16.69 25.35 -2.27
CA VAL B 240 -15.67 24.64 -3.03
C VAL B 240 -16.41 23.83 -4.09
N GLU B 241 -16.13 24.05 -5.36
CA GLU B 241 -16.93 23.51 -6.43
C GLU B 241 -16.06 22.75 -7.43
N TYR B 242 -16.51 21.53 -7.77
CA TYR B 242 -15.92 20.66 -8.73
C TYR B 242 -16.96 20.43 -9.82
N LYS B 243 -16.63 20.75 -11.07
CA LYS B 243 -17.52 20.49 -12.18
C LYS B 243 -17.39 19.02 -12.58
N ILE B 244 -18.52 18.45 -12.95
CA ILE B 244 -18.57 17.11 -13.41
C ILE B 244 -18.87 17.13 -14.90
N ALA B 245 -17.82 16.82 -15.67
CA ALA B 245 -17.89 16.62 -17.12
C ALA B 245 -18.79 17.69 -17.73
N ASP B 246 -19.85 17.27 -18.38
CA ASP B 246 -20.80 18.21 -18.94
C ASP B 246 -22.12 18.14 -18.17
N MET B 247 -22.20 17.30 -17.13
CA MET B 247 -23.50 16.93 -16.60
C MET B 247 -23.83 17.62 -15.28
N GLY B 248 -22.93 18.32 -14.62
CA GLY B 248 -23.30 19.06 -13.43
C GLY B 248 -22.13 19.41 -12.54
N HIS B 249 -22.35 19.32 -11.22
CA HIS B 249 -21.37 19.72 -10.27
C HIS B 249 -21.57 19.09 -8.88
N LEU B 250 -20.53 19.24 -8.11
CA LEU B 250 -20.50 18.94 -6.70
C LEU B 250 -20.01 20.21 -6.04
N LYS B 251 -20.87 20.81 -5.22
CA LYS B 251 -20.55 22.00 -4.48
C LYS B 251 -20.45 21.63 -3.00
N TYR B 252 -19.44 22.10 -2.29
CA TYR B 252 -19.34 21.89 -0.88
C TYR B 252 -19.32 23.23 -0.18
N TYR B 253 -20.04 23.39 0.93
CA TYR B 253 -20.03 24.63 1.71
C TYR B 253 -19.38 24.37 3.05
N LEU B 254 -18.66 25.33 3.62
CA LEU B 254 -18.04 25.14 4.88
C LEU B 254 -18.10 26.45 5.66
N ALA B 255 -18.66 26.43 6.88
CA ALA B 255 -18.73 27.61 7.72
C ALA B 255 -17.33 27.97 8.23
N PRO B 256 -17.02 29.26 8.23
CA PRO B 256 -15.75 29.71 8.75
C PRO B 256 -15.66 29.43 10.26
N LYS B 257 -14.43 29.30 10.76
CA LYS B 257 -14.21 29.16 12.21
C LYS B 257 -14.41 30.49 12.94
N ILE B 258 -14.72 30.35 14.23
CA ILE B 258 -14.64 31.40 15.24
C ILE B 258 -13.21 31.98 15.27
N PRO C 2 25.39 -37.66 2.24
CA PRO C 2 24.72 -37.72 0.92
C PRO C 2 23.25 -37.27 1.02
N HIS C 3 22.69 -36.78 -0.09
CA HIS C 3 21.31 -36.25 -0.07
C HIS C 3 20.36 -37.28 -0.68
N MET C 4 19.44 -37.77 0.13
CA MET C 4 18.51 -38.78 -0.34
C MET C 4 17.32 -38.15 -1.10
N PHE C 5 17.02 -36.85 -0.87
CA PHE C 5 16.07 -36.13 -1.71
C PHE C 5 16.71 -34.83 -2.17
N GLU C 6 16.61 -34.56 -3.45
CA GLU C 6 17.04 -33.30 -3.99
C GLU C 6 16.16 -32.96 -5.19
N ALA C 7 15.62 -31.76 -5.21
CA ALA C 7 14.85 -31.33 -6.38
C ALA C 7 15.22 -29.90 -6.75
N ARG C 8 15.63 -29.69 -8.00
CA ARG C 8 16.06 -28.40 -8.42
C ARG C 8 14.96 -27.83 -9.32
N LEU C 9 14.51 -26.63 -9.02
CA LEU C 9 13.41 -25.99 -9.76
C LEU C 9 13.91 -24.64 -10.30
N VAL C 10 14.05 -24.53 -11.62
CA VAL C 10 14.56 -23.29 -12.23
C VAL C 10 13.52 -22.17 -12.05
N GLN C 11 12.22 -22.45 -12.21
CA GLN C 11 11.15 -21.46 -11.99
C GLN C 11 10.76 -21.47 -10.50
N GLY C 12 11.63 -20.94 -9.66
CA GLY C 12 11.45 -21.00 -8.22
C GLY C 12 10.21 -20.27 -7.75
N SER C 13 9.73 -19.29 -8.54
CA SER C 13 8.55 -18.48 -8.18
C SER C 13 7.31 -19.37 -8.04
N ILE C 14 7.32 -20.52 -8.70
CA ILE C 14 6.20 -21.45 -8.54
C ILE C 14 6.07 -21.82 -7.06
N LEU C 15 7.18 -22.15 -6.40
CA LEU C 15 7.11 -22.61 -5.02
CA LEU C 15 7.14 -22.61 -5.01
C LEU C 15 6.72 -21.46 -4.08
N LYS C 16 7.19 -20.24 -4.37
CA LYS C 16 6.79 -19.04 -3.61
C LYS C 16 5.26 -18.89 -3.66
N LYS C 17 4.74 -18.99 -4.87
CA LYS C 17 3.29 -18.81 -5.10
C LYS C 17 2.45 -19.91 -4.43
N VAL C 18 2.92 -21.18 -4.51
CA VAL C 18 2.28 -22.28 -3.83
C VAL C 18 2.16 -21.96 -2.35
N LEU C 19 3.24 -21.54 -1.70
CA LEU C 19 3.14 -21.34 -0.27
C LEU C 19 2.22 -20.14 0.03
N GLU C 20 2.20 -19.09 -0.77
CA GLU C 20 1.21 -17.97 -0.51
C GLU C 20 -0.23 -18.47 -0.71
N ALA C 21 -0.45 -19.48 -1.54
CA ALA C 21 -1.79 -20.00 -1.76
C ALA C 21 -2.21 -21.04 -0.70
N LEU C 22 -1.33 -21.44 0.24
CA LEU C 22 -1.69 -22.46 1.20
C LEU C 22 -1.76 -21.87 2.60
N LYS C 23 -0.85 -20.92 2.95
CA LYS C 23 -0.55 -20.66 4.32
C LYS C 23 -1.71 -19.98 5.06
N ASP C 24 -2.63 -19.32 4.36
CA ASP C 24 -3.76 -18.69 5.09
C ASP C 24 -4.87 -19.73 5.31
N LEU C 25 -4.94 -20.79 4.51
CA LEU C 25 -5.98 -21.78 4.65
C LEU C 25 -5.53 -22.93 5.58
N ILE C 26 -4.26 -23.36 5.47
CA ILE C 26 -3.72 -24.50 6.21
CA ILE C 26 -3.69 -24.50 6.16
C ILE C 26 -2.53 -24.01 7.05
N ASN C 27 -2.53 -24.34 8.33
CA ASN C 27 -1.42 -23.93 9.22
C ASN C 27 -0.21 -24.86 9.03
N GLU C 28 -0.40 -26.16 9.03
CA GLU C 28 0.70 -27.12 8.97
C GLU C 28 0.25 -28.28 8.10
N ALA C 29 1.18 -28.78 7.29
CA ALA C 29 0.87 -29.88 6.42
C ALA C 29 2.07 -30.81 6.26
N CYS C 30 1.76 -32.02 5.87
CA CYS C 30 2.75 -33.03 5.55
CA CYS C 30 2.79 -33.02 5.55
C CYS C 30 3.06 -32.98 4.05
N TRP C 31 4.32 -32.81 3.68
CA TRP C 31 4.75 -32.93 2.28
C TRP C 31 5.13 -34.38 2.07
N ASP C 32 4.41 -35.06 1.17
CA ASP C 32 4.72 -36.44 0.86
C ASP C 32 5.56 -36.40 -0.41
N ILE C 33 6.76 -36.91 -0.25
CA ILE C 33 7.82 -36.87 -1.23
C ILE C 33 8.12 -38.32 -1.61
N SER C 34 8.14 -38.57 -2.91
CA SER C 34 8.41 -39.88 -3.48
C SER C 34 9.10 -39.69 -4.83
N SER C 35 9.49 -40.82 -5.41
CA SER C 35 10.15 -40.77 -6.68
C SER C 35 9.22 -40.21 -7.78
N SER C 36 7.90 -40.18 -7.62
CA SER C 36 7.04 -39.60 -8.67
C SER C 36 6.74 -38.12 -8.40
N GLY C 37 7.05 -37.63 -7.22
CA GLY C 37 7.00 -36.20 -7.06
C GLY C 37 6.63 -35.79 -5.67
N VAL C 38 6.15 -34.53 -5.56
CA VAL C 38 5.78 -33.92 -4.29
C VAL C 38 4.26 -33.77 -4.22
N ASN C 39 3.63 -34.41 -3.24
CA ASN C 39 2.20 -34.32 -3.02
CA ASN C 39 2.17 -34.42 -2.98
C ASN C 39 1.93 -33.76 -1.62
N LEU C 40 0.88 -32.98 -1.53
CA LEU C 40 0.41 -32.47 -0.23
C LEU C 40 -1.13 -32.53 -0.23
N GLN C 41 -1.69 -33.04 0.85
CA GLN C 41 -3.12 -33.00 1.04
C GLN C 41 -3.43 -32.59 2.49
N SER C 42 -4.36 -31.66 2.67
CA SER C 42 -4.82 -31.34 3.99
C SER C 42 -6.22 -30.71 3.92
N MET C 43 -7.04 -31.08 4.88
CA MET C 43 -8.26 -30.35 5.16
C MET C 43 -7.92 -29.10 5.97
N ASP C 44 -8.74 -28.06 5.86
CA ASP C 44 -8.67 -26.95 6.79
C ASP C 44 -9.19 -27.46 8.15
N SER C 45 -8.96 -26.72 9.23
CA SER C 45 -9.34 -27.14 10.60
C SER C 45 -10.86 -27.32 10.79
N SER C 46 -11.71 -26.68 9.96
CA SER C 46 -13.16 -26.88 10.06
C SER C 46 -13.61 -28.16 9.33
N HIS C 47 -12.77 -28.73 8.46
CA HIS C 47 -13.13 -29.94 7.64
C HIS C 47 -14.13 -29.63 6.55
N VAL C 48 -14.33 -28.35 6.22
CA VAL C 48 -15.31 -27.95 5.18
C VAL C 48 -14.65 -27.94 3.79
N SER C 49 -13.32 -27.80 3.77
CA SER C 49 -12.54 -27.73 2.53
C SER C 49 -11.29 -28.62 2.62
N LEU C 50 -10.72 -28.86 1.47
CA LEU C 50 -9.57 -29.72 1.32
C LEU C 50 -8.68 -29.16 0.20
N VAL C 51 -7.39 -29.28 0.39
CA VAL C 51 -6.45 -28.84 -0.65
CA VAL C 51 -6.41 -28.84 -0.62
C VAL C 51 -5.56 -30.03 -1.02
N GLN C 52 -5.31 -30.18 -2.31
CA GLN C 52 -4.44 -31.21 -2.81
C GLN C 52 -3.48 -30.56 -3.80
N LEU C 53 -2.18 -30.64 -3.50
CA LEU C 53 -1.13 -30.17 -4.40
C LEU C 53 -0.41 -31.36 -5.06
N THR C 54 -0.16 -31.26 -6.36
CA THR C 54 0.68 -32.21 -7.06
C THR C 54 1.80 -31.45 -7.81
N LEU C 55 3.05 -31.81 -7.56
CA LEU C 55 4.18 -31.37 -8.39
C LEU C 55 4.95 -32.62 -8.85
N ARG C 56 4.91 -32.89 -10.13
CA ARG C 56 5.45 -34.12 -10.69
C ARG C 56 6.98 -34.04 -10.77
N SER C 57 7.64 -35.14 -10.44
CA SER C 57 9.12 -35.18 -10.48
C SER C 57 9.63 -34.70 -11.84
N GLU C 58 8.91 -34.97 -12.94
CA GLU C 58 9.41 -34.61 -14.28
C GLU C 58 9.35 -33.11 -14.54
N GLY C 59 8.54 -32.34 -13.80
CA GLY C 59 8.57 -30.88 -13.92
C GLY C 59 9.78 -30.24 -13.25
N PHE C 60 10.51 -30.98 -12.43
CA PHE C 60 11.75 -30.44 -11.88
C PHE C 60 12.94 -30.65 -12.81
N ASP C 61 13.83 -29.67 -12.84
CA ASP C 61 15.01 -29.66 -13.73
C ASP C 61 16.00 -30.76 -13.29
N THR C 62 16.15 -31.02 -11.99
CA THR C 62 16.71 -32.30 -11.57
C THR C 62 15.88 -32.80 -10.39
N TYR C 63 15.79 -34.11 -10.24
CA TYR C 63 15.01 -34.70 -9.19
C TYR C 63 15.57 -36.06 -8.79
N ARG C 64 15.73 -36.27 -7.51
CA ARG C 64 16.22 -37.51 -6.99
C ARG C 64 15.51 -37.74 -5.68
N CYS C 65 15.03 -38.94 -5.47
CA CYS C 65 14.45 -39.34 -4.23
C CYS C 65 14.57 -40.86 -4.09
N ASP C 66 15.25 -41.35 -3.10
CA ASP C 66 15.51 -42.79 -3.07
C ASP C 66 14.62 -43.46 -2.01
N ARG C 67 13.70 -42.72 -1.37
CA ARG C 67 12.74 -43.31 -0.42
C ARG C 67 11.59 -42.33 -0.13
N ASN C 68 10.43 -42.88 0.26
CA ASN C 68 9.24 -42.12 0.60
C ASN C 68 9.52 -41.33 1.88
N LEU C 69 9.23 -40.03 1.88
CA LEU C 69 9.36 -39.18 3.07
C LEU C 69 8.01 -38.50 3.31
N ALA C 70 7.79 -38.19 4.55
CA ALA C 70 6.67 -37.44 4.99
C ALA C 70 7.23 -36.34 5.91
N MET C 71 7.32 -35.12 5.41
CA MET C 71 7.87 -34.02 6.16
C MET C 71 6.76 -33.10 6.65
N GLY C 72 6.62 -33.05 7.97
CA GLY C 72 5.70 -32.13 8.61
C GLY C 72 6.24 -30.71 8.61
N VAL C 73 5.43 -29.78 8.10
CA VAL C 73 5.88 -28.43 7.85
C VAL C 73 4.88 -27.43 8.42
N ASN C 74 5.41 -26.42 9.10
CA ASN C 74 4.65 -25.21 9.42
C ASN C 74 4.65 -24.32 8.17
N LEU C 75 3.50 -24.10 7.54
CA LEU C 75 3.48 -23.47 6.20
C LEU C 75 3.73 -21.96 6.32
N THR C 76 3.48 -21.38 7.48
CA THR C 76 3.83 -19.98 7.76
C THR C 76 5.35 -19.82 7.89
N SER C 77 6.04 -20.71 8.60
CA SER C 77 7.52 -20.72 8.61
C SER C 77 8.07 -20.88 7.18
N MET C 78 7.57 -21.87 6.46
CA MET C 78 8.13 -22.09 5.13
C MET C 78 7.87 -20.88 4.22
N SER C 79 6.70 -20.29 4.35
CA SER C 79 6.37 -19.06 3.59
C SER C 79 7.35 -17.95 3.90
N LYS C 80 7.69 -17.77 5.19
CA LYS C 80 8.64 -16.75 5.58
C LYS C 80 10.00 -17.01 4.94
N ILE C 81 10.41 -18.28 4.86
CA ILE C 81 11.72 -18.58 4.28
C ILE C 81 11.68 -18.29 2.78
N LEU C 82 10.61 -18.71 2.11
CA LEU C 82 10.53 -18.50 0.65
C LEU C 82 10.40 -17.03 0.27
N LYS C 83 9.89 -16.16 1.14
CA LYS C 83 9.94 -14.71 0.87
C LYS C 83 11.40 -14.21 0.77
N CYS C 84 12.39 -14.96 1.24
CA CYS C 84 13.82 -14.56 1.11
C CYS C 84 14.39 -14.95 -0.27
N ALA C 85 13.60 -15.66 -1.08
CA ALA C 85 13.94 -16.01 -2.46
C ALA C 85 13.43 -14.93 -3.41
N GLY C 86 14.25 -14.57 -4.38
CA GLY C 86 13.84 -13.72 -5.46
C GLY C 86 12.96 -14.46 -6.44
N ASN C 87 12.18 -13.73 -7.23
CA ASN C 87 11.23 -14.28 -8.21
C ASN C 87 11.93 -14.95 -9.40
N GLU C 88 13.17 -14.60 -9.69
CA GLU C 88 13.88 -15.20 -10.80
C GLU C 88 14.81 -16.30 -10.28
N ASP C 89 14.81 -16.57 -8.98
CA ASP C 89 15.80 -17.46 -8.41
C ASP C 89 15.55 -18.92 -8.80
N ILE C 90 16.60 -19.70 -8.86
CA ILE C 90 16.40 -21.14 -8.97
C ILE C 90 16.44 -21.75 -7.56
N ILE C 91 15.46 -22.59 -7.24
CA ILE C 91 15.30 -23.09 -5.85
C ILE C 91 15.53 -24.59 -5.79
N THR C 92 16.44 -24.99 -4.93
CA THR C 92 16.69 -26.41 -4.71
C THR C 92 16.15 -26.79 -3.34
N LEU C 93 15.42 -27.89 -3.25
CA LEU C 93 15.02 -28.46 -1.97
C LEU C 93 15.85 -29.72 -1.75
N ARG C 94 16.32 -29.95 -0.55
CA ARG C 94 17.05 -31.16 -0.34
C ARG C 94 16.86 -31.64 1.11
N ALA C 95 16.88 -32.94 1.32
CA ALA C 95 16.81 -33.47 2.67
C ALA C 95 17.79 -34.63 2.80
N GLU C 96 18.73 -34.53 3.72
CA GLU C 96 19.60 -35.67 4.03
C GLU C 96 18.83 -36.58 4.99
N ASP C 97 19.14 -37.88 4.99
CA ASP C 97 18.46 -38.83 5.89
C ASP C 97 18.88 -38.54 7.34
N ASN C 98 20.16 -38.18 7.52
CA ASN C 98 20.73 -37.80 8.81
C ASN C 98 20.52 -36.29 9.03
N ALA C 99 19.25 -35.92 9.25
CA ALA C 99 18.79 -34.56 9.67
C ALA C 99 17.29 -34.64 9.99
N ASP C 100 16.70 -33.59 10.56
CA ASP C 100 15.24 -33.44 10.62
C ASP C 100 14.91 -31.99 10.26
N THR C 101 15.53 -31.58 9.17
CA THR C 101 15.33 -30.29 8.58
C THR C 101 15.13 -30.50 7.09
N LEU C 102 14.50 -29.50 6.51
CA LEU C 102 14.49 -29.38 5.08
C LEU C 102 15.47 -28.28 4.74
N ALA C 103 16.41 -28.53 3.84
CA ALA C 103 17.29 -27.49 3.31
C ALA C 103 16.64 -26.88 2.06
N LEU C 104 16.73 -25.55 1.92
CA LEU C 104 16.33 -24.83 0.70
C LEU C 104 17.55 -24.03 0.21
N VAL C 105 17.80 -24.02 -1.09
CA VAL C 105 18.91 -23.26 -1.61
C VAL C 105 18.35 -22.33 -2.68
N PHE C 106 18.67 -21.03 -2.61
CA PHE C 106 18.18 -20.11 -3.59
C PHE C 106 19.35 -19.52 -4.38
N GLU C 107 19.36 -19.66 -5.71
CA GLU C 107 20.45 -19.09 -6.54
C GLU C 107 19.89 -18.02 -7.48
N ALA C 108 20.38 -16.87 -7.22
CA ALA C 108 20.09 -15.78 -8.11
C ALA C 108 20.83 -16.19 -9.37
N PRO C 109 20.34 -15.84 -10.54
CA PRO C 109 20.96 -16.26 -11.78
C PRO C 109 21.77 -15.15 -12.43
N ASN C 110 23.01 -15.43 -12.69
CA ASN C 110 23.92 -14.48 -13.33
C ASN C 110 24.52 -13.49 -12.35
N GLN C 111 23.98 -13.46 -11.13
CA GLN C 111 24.43 -12.57 -10.08
C GLN C 111 24.89 -13.61 -9.10
N GLU C 112 26.07 -13.49 -8.48
CA GLU C 112 26.45 -14.52 -7.53
C GLU C 112 26.11 -14.15 -6.10
N LYS C 113 24.98 -14.66 -5.69
CA LYS C 113 24.31 -14.54 -4.43
C LYS C 113 23.72 -15.92 -4.27
N VAL C 114 24.06 -16.61 -3.21
CA VAL C 114 23.53 -17.91 -2.97
C VAL C 114 23.03 -17.92 -1.55
N SER C 115 21.79 -18.32 -1.31
CA SER C 115 21.27 -18.37 0.05
C SER C 115 20.91 -19.80 0.40
N ASP C 116 21.23 -20.22 1.60
CA ASP C 116 20.77 -21.53 2.05
C ASP C 116 20.10 -21.40 3.41
N TYR C 117 18.93 -22.01 3.51
CA TYR C 117 18.14 -22.04 4.72
C TYR C 117 18.01 -23.50 5.16
N GLU C 118 18.03 -23.74 6.46
CA GLU C 118 17.66 -24.99 7.04
C GLU C 118 16.40 -24.76 7.89
N MET C 119 15.31 -25.41 7.51
CA MET C 119 14.00 -25.24 8.13
C MET C 119 13.75 -26.38 9.12
N LYS C 120 13.42 -26.07 10.35
CA LYS C 120 12.98 -27.08 11.33
C LYS C 120 11.64 -27.70 10.89
N LEU C 121 11.56 -29.02 10.92
CA LEU C 121 10.36 -29.79 10.58
C LEU C 121 9.62 -30.12 11.88
N MET C 122 8.45 -30.70 11.76
CA MET C 122 7.64 -31.05 12.93
C MET C 122 6.96 -32.40 12.67
N ASP C 123 6.41 -32.99 13.72
CA ASP C 123 5.78 -34.32 13.63
C ASP C 123 4.29 -34.11 13.43
N LEU C 124 3.74 -34.70 12.39
CA LEU C 124 2.34 -34.52 12.06
C LEU C 124 1.69 -35.87 11.75
N ASP C 125 0.67 -36.22 12.53
CA ASP C 125 -0.13 -37.41 12.27
C ASP C 125 -1.44 -36.93 11.65
N VAL C 126 -1.66 -37.25 10.39
CA VAL C 126 -2.74 -36.67 9.60
C VAL C 126 -3.54 -37.79 8.95
N GLU C 127 -4.85 -37.58 8.85
CA GLU C 127 -5.74 -38.48 8.10
C GLU C 127 -5.66 -38.08 6.63
N GLN C 128 -5.57 -39.08 5.74
CA GLN C 128 -5.58 -38.91 4.28
C GLN C 128 -6.96 -39.29 3.73
N LEU C 129 -7.47 -38.53 2.75
CA LEU C 129 -8.78 -38.75 2.15
C LEU C 129 -8.59 -39.22 0.72
N GLY C 130 -9.45 -40.13 0.31
CA GLY C 130 -9.47 -40.58 -1.06
C GLY C 130 -10.52 -39.82 -1.86
N ILE C 131 -10.15 -39.39 -3.04
CA ILE C 131 -11.02 -38.64 -3.89
C ILE C 131 -11.63 -39.61 -4.90
N PRO C 132 -12.96 -39.79 -4.83
CA PRO C 132 -13.59 -40.65 -5.81
C PRO C 132 -13.51 -39.97 -7.19
N GLU C 133 -12.87 -40.66 -8.14
CA GLU C 133 -12.86 -40.25 -9.55
C GLU C 133 -14.31 -40.19 -10.03
N GLN C 134 -14.65 -39.13 -10.77
CA GLN C 134 -16.04 -38.93 -11.18
C GLN C 134 -16.11 -37.82 -12.24
N GLU C 135 -17.22 -37.84 -12.95
CA GLU C 135 -17.52 -36.83 -13.96
C GLU C 135 -18.52 -35.87 -13.33
N TYR C 136 -18.48 -34.63 -13.79
CA TYR C 136 -19.18 -33.55 -13.12
C TYR C 136 -20.35 -33.11 -14.02
N SER C 137 -21.44 -32.68 -13.43
CA SER C 137 -22.56 -32.14 -14.22
C SER C 137 -22.13 -30.88 -14.98
N CYS C 138 -21.37 -29.97 -14.34
CA CYS C 138 -20.94 -28.73 -14.99
C CYS C 138 -19.45 -28.47 -14.75
N VAL C 139 -18.73 -28.12 -15.80
CA VAL C 139 -17.34 -27.72 -15.72
C VAL C 139 -17.20 -26.36 -16.40
N VAL C 140 -16.69 -25.38 -15.65
CA VAL C 140 -16.51 -24.03 -16.13
C VAL C 140 -15.03 -23.69 -16.15
N LYS C 141 -14.55 -23.25 -17.30
CA LYS C 141 -13.22 -22.76 -17.41
C LYS C 141 -13.30 -21.25 -17.65
N MET C 142 -12.55 -20.49 -16.89
CA MET C 142 -12.67 -19.03 -16.93
C MET C 142 -11.35 -18.38 -16.48
N PRO C 143 -11.15 -17.09 -16.82
CA PRO C 143 -10.00 -16.35 -16.36
C PRO C 143 -9.91 -16.34 -14.83
N SER C 144 -8.73 -16.63 -14.28
CA SER C 144 -8.62 -16.73 -12.82
C SER C 144 -8.87 -15.37 -12.16
N GLY C 145 -8.45 -14.30 -12.80
CA GLY C 145 -8.61 -12.96 -12.23
C GLY C 145 -10.08 -12.56 -12.15
N GLU C 146 -10.86 -12.99 -13.13
CA GLU C 146 -12.32 -12.73 -13.16
C GLU C 146 -12.99 -13.43 -11.97
N PHE C 147 -12.65 -14.71 -11.78
CA PHE C 147 -13.18 -15.47 -10.65
C PHE C 147 -12.79 -14.82 -9.32
N ALA C 148 -11.52 -14.42 -9.19
CA ALA C 148 -11.10 -13.80 -7.93
C ALA C 148 -11.93 -12.52 -7.69
N ARG C 149 -12.23 -11.79 -8.75
CA ARG C 149 -12.91 -10.51 -8.67
C ARG C 149 -14.37 -10.73 -8.26
N ILE C 150 -14.99 -11.72 -8.86
CA ILE C 150 -16.35 -12.08 -8.54
C ILE C 150 -16.44 -12.48 -7.06
N CYS C 151 -15.57 -13.38 -6.57
CA CYS C 151 -15.65 -13.80 -5.17
C CYS C 151 -15.41 -12.63 -4.21
N ARG C 152 -14.51 -11.74 -4.56
CA ARG C 152 -14.20 -10.57 -3.70
C ARG C 152 -15.43 -9.65 -3.62
N ASP C 153 -16.04 -9.32 -4.75
CA ASP C 153 -17.15 -8.36 -4.79
C ASP C 153 -18.38 -8.92 -4.07
N LEU C 154 -18.71 -10.16 -4.34
CA LEU C 154 -19.88 -10.70 -3.73
C LEU C 154 -19.70 -10.86 -2.22
N SER C 155 -18.48 -10.98 -1.73
CA SER C 155 -18.28 -11.10 -0.27
C SER C 155 -18.62 -9.77 0.43
N HIS C 156 -18.73 -8.65 -0.29
CA HIS C 156 -19.24 -7.41 0.34
C HIS C 156 -20.76 -7.37 0.36
N ILE C 157 -21.42 -8.38 -0.21
CA ILE C 157 -22.87 -8.47 -0.33
C ILE C 157 -23.43 -9.53 0.64
N GLY C 158 -22.78 -10.68 0.75
CA GLY C 158 -23.26 -11.74 1.62
C GLY C 158 -22.16 -12.73 1.92
N ASP C 159 -22.45 -13.76 2.70
CA ASP C 159 -21.40 -14.73 3.12
C ASP C 159 -21.47 -16.02 2.33
N ALA C 160 -22.49 -16.17 1.49
CA ALA C 160 -22.70 -17.37 0.68
C ALA C 160 -22.94 -16.97 -0.77
N VAL C 161 -22.45 -17.79 -1.70
CA VAL C 161 -22.64 -17.59 -3.13
C VAL C 161 -23.42 -18.77 -3.70
N VAL C 162 -24.45 -18.45 -4.50
CA VAL C 162 -25.19 -19.46 -5.24
C VAL C 162 -24.63 -19.51 -6.66
N ILE C 163 -24.12 -20.67 -7.06
CA ILE C 163 -23.57 -20.83 -8.39
C ILE C 163 -24.58 -21.60 -9.23
N SER C 164 -25.14 -20.93 -10.24
CA SER C 164 -26.10 -21.51 -11.21
C SER C 164 -25.38 -21.67 -12.53
N CYS C 165 -25.31 -22.87 -13.03
CA CYS C 165 -24.65 -23.08 -14.28
C CYS C 165 -25.61 -23.75 -15.25
N ALA C 166 -25.66 -23.24 -16.48
CA ALA C 166 -26.45 -23.80 -17.58
C ALA C 166 -25.60 -23.70 -18.86
N LYS C 167 -26.13 -24.13 -20.01
CA LYS C 167 -25.31 -24.26 -21.25
C LYS C 167 -24.71 -22.91 -21.67
N ASP C 168 -25.52 -21.87 -21.52
CA ASP C 168 -25.31 -20.53 -22.06
C ASP C 168 -24.31 -19.75 -21.18
N GLY C 169 -24.37 -19.98 -19.87
CA GLY C 169 -23.60 -19.14 -18.96
C GLY C 169 -23.64 -19.64 -17.52
N VAL C 170 -23.00 -18.87 -16.66
CA VAL C 170 -22.93 -19.21 -15.25
C VAL C 170 -23.28 -17.96 -14.44
N LYS C 171 -24.05 -18.14 -13.40
CA LYS C 171 -24.45 -17.01 -12.60
C LYS C 171 -23.95 -17.20 -11.17
N PHE C 172 -23.49 -16.11 -10.54
CA PHE C 172 -23.08 -16.07 -9.14
C PHE C 172 -23.95 -15.06 -8.35
N SER C 173 -24.57 -15.48 -7.25
CA SER C 173 -25.56 -14.67 -6.53
C SER C 173 -25.25 -14.67 -5.03
N ALA C 174 -25.45 -13.54 -4.37
CA ALA C 174 -25.35 -13.45 -2.91
C ALA C 174 -26.43 -12.46 -2.41
N SER C 175 -26.71 -12.53 -1.13
CA SER C 175 -27.79 -11.75 -0.52
C SER C 175 -27.40 -11.46 0.93
N GLY C 176 -27.70 -10.27 1.41
CA GLY C 176 -27.29 -9.81 2.74
C GLY C 176 -28.04 -8.55 3.15
N GLU C 177 -27.58 -7.87 4.17
CA GLU C 177 -28.35 -6.75 4.75
C GLU C 177 -28.42 -5.56 3.78
N LEU C 178 -27.39 -5.35 2.96
CA LEU C 178 -27.32 -4.25 1.99
C LEU C 178 -28.37 -4.42 0.88
N GLY C 179 -28.79 -5.65 0.60
CA GLY C 179 -29.41 -5.99 -0.68
C GLY C 179 -28.87 -7.29 -1.28
N ASN C 180 -28.98 -7.48 -2.59
CA ASN C 180 -28.53 -8.70 -3.21
C ASN C 180 -27.85 -8.36 -4.52
N GLY C 181 -27.23 -9.35 -5.11
CA GLY C 181 -26.43 -9.11 -6.30
C GLY C 181 -26.25 -10.39 -7.08
N ASN C 182 -26.27 -10.30 -8.40
CA ASN C 182 -26.05 -11.43 -9.28
CA ASN C 182 -25.91 -11.46 -9.19
C ASN C 182 -25.05 -11.01 -10.36
N ILE C 183 -24.09 -11.86 -10.68
CA ILE C 183 -23.16 -11.62 -11.77
C ILE C 183 -23.34 -12.77 -12.75
N LYS C 184 -23.53 -12.42 -14.02
CA LYS C 184 -23.82 -13.40 -15.07
C LYS C 184 -22.68 -13.33 -16.08
N LEU C 185 -22.07 -14.49 -16.37
CA LEU C 185 -21.00 -14.61 -17.40
C LEU C 185 -21.56 -15.47 -18.55
N SER C 186 -21.49 -14.98 -19.77
CA SER C 186 -21.88 -15.79 -20.91
C SER C 186 -20.69 -16.62 -21.40
N GLN C 187 -20.96 -17.78 -21.99
CA GLN C 187 -19.94 -18.56 -22.70
C GLN C 187 -19.45 -17.72 -23.90
N THR C 188 -18.17 -17.78 -24.16
CA THR C 188 -17.54 -17.03 -25.24
C THR C 188 -17.05 -18.04 -26.29
N GLU C 195 -7.63 -18.36 -22.81
CA GLU C 195 -7.04 -17.61 -21.70
C GLU C 195 -8.02 -16.52 -21.24
N GLU C 196 -8.67 -15.85 -22.20
CA GLU C 196 -9.67 -14.82 -21.85
C GLU C 196 -11.09 -15.38 -22.05
N ALA C 197 -11.18 -16.68 -22.27
CA ALA C 197 -12.43 -17.31 -22.62
C ALA C 197 -13.16 -17.77 -21.35
N VAL C 198 -14.45 -17.97 -21.51
CA VAL C 198 -15.33 -18.62 -20.56
C VAL C 198 -15.96 -19.79 -21.30
N THR C 199 -15.70 -21.00 -20.85
CA THR C 199 -16.21 -22.16 -21.53
C THR C 199 -16.96 -23.03 -20.53
N ILE C 200 -18.05 -23.61 -21.01
CA ILE C 200 -18.92 -24.39 -20.16
C ILE C 200 -19.14 -25.73 -20.84
N GLU C 201 -18.65 -26.79 -20.20
CA GLU C 201 -19.03 -28.17 -20.49
C GLU C 201 -20.10 -28.59 -19.48
N MET C 202 -21.35 -28.73 -19.92
CA MET C 202 -22.39 -29.11 -18.98
C MET C 202 -23.13 -30.37 -19.47
N ASN C 203 -23.30 -31.32 -18.56
CA ASN C 203 -24.11 -32.52 -18.76
C ASN C 203 -25.55 -32.23 -18.33
N GLU C 204 -25.68 -31.61 -17.16
CA GLU C 204 -26.96 -31.16 -16.63
C GLU C 204 -26.75 -29.85 -15.87
N PRO C 205 -27.78 -29.01 -15.80
CA PRO C 205 -27.85 -27.82 -14.94
C PRO C 205 -27.63 -28.14 -13.45
N VAL C 206 -26.87 -27.31 -12.76
CA VAL C 206 -26.60 -27.49 -11.32
CA VAL C 206 -26.60 -27.49 -11.34
C VAL C 206 -26.81 -26.15 -10.62
N GLN C 207 -27.25 -26.21 -9.37
CA GLN C 207 -27.36 -25.03 -8.57
C GLN C 207 -26.93 -25.35 -7.15
N LEU C 208 -25.81 -24.74 -6.72
CA LEU C 208 -25.22 -25.02 -5.43
C LEU C 208 -24.82 -23.72 -4.74
N THR C 209 -24.75 -23.82 -3.42
CA THR C 209 -24.41 -22.76 -2.53
C THR C 209 -23.13 -23.13 -1.76
N PHE C 210 -22.24 -22.14 -1.63
CA PHE C 210 -20.93 -22.27 -1.02
C PHE C 210 -20.58 -21.06 -0.14
N ALA C 211 -19.76 -21.28 0.89
CA ALA C 211 -19.28 -20.20 1.76
C ALA C 211 -18.18 -19.37 1.08
N LEU C 212 -18.42 -18.05 0.93
CA LEU C 212 -17.50 -17.17 0.20
C LEU C 212 -16.17 -17.02 0.93
N ARG C 213 -16.18 -17.09 2.24
CA ARG C 213 -14.95 -16.98 3.02
C ARG C 213 -13.93 -18.02 2.52
N TYR C 214 -14.38 -19.22 2.21
CA TYR C 214 -13.42 -20.24 1.76
C TYR C 214 -12.99 -19.94 0.33
N LEU C 215 -13.92 -19.51 -0.53
CA LEU C 215 -13.53 -19.22 -1.93
C LEU C 215 -12.45 -18.13 -1.99
N ASN C 216 -12.51 -17.15 -1.10
CA ASN C 216 -11.51 -16.09 -1.09
C ASN C 216 -10.19 -16.56 -0.49
N PHE C 217 -10.08 -17.65 0.28
CA PHE C 217 -8.76 -18.29 0.49
C PHE C 217 -8.29 -18.97 -0.80
N PHE C 218 -9.17 -19.63 -1.53
CA PHE C 218 -8.73 -20.36 -2.69
C PHE C 218 -8.16 -19.45 -3.78
N THR C 219 -8.72 -18.25 -3.94
CA THR C 219 -8.30 -17.35 -5.02
C THR C 219 -6.92 -16.74 -4.76
N LYS C 220 -6.34 -16.96 -3.61
CA LYS C 220 -4.93 -16.66 -3.39
C LYS C 220 -3.99 -17.47 -4.30
N ALA C 221 -4.50 -18.49 -5.01
CA ALA C 221 -3.67 -19.21 -5.98
C ALA C 221 -3.69 -18.57 -7.37
N THR C 222 -4.41 -17.45 -7.53
CA THR C 222 -4.58 -16.78 -8.84
C THR C 222 -3.22 -16.57 -9.54
N PRO C 223 -2.17 -16.15 -8.84
CA PRO C 223 -0.93 -15.95 -9.57
C PRO C 223 -0.34 -17.21 -10.25
N LEU C 224 -0.81 -18.43 -9.96
CA LEU C 224 -0.19 -19.64 -10.51
C LEU C 224 -0.67 -19.89 -11.93
N SER C 225 -1.81 -19.32 -12.31
CA SER C 225 -2.41 -19.64 -13.60
C SER C 225 -3.36 -18.52 -14.02
N SER C 226 -3.50 -18.36 -15.32
CA SER C 226 -4.35 -17.33 -15.91
C SER C 226 -5.77 -17.86 -16.06
N THR C 227 -5.96 -19.17 -15.86
CA THR C 227 -7.29 -19.74 -15.91
C THR C 227 -7.55 -20.60 -14.69
N VAL C 228 -8.84 -20.74 -14.36
CA VAL C 228 -9.30 -21.57 -13.28
C VAL C 228 -10.41 -22.45 -13.82
N THR C 229 -10.56 -23.60 -13.22
CA THR C 229 -11.59 -24.54 -13.63
C THR C 229 -12.47 -24.84 -12.41
N LEU C 230 -13.79 -24.72 -12.56
CA LEU C 230 -14.76 -25.05 -11.52
C LEU C 230 -15.54 -26.30 -11.96
N SER C 231 -15.59 -27.33 -11.12
CA SER C 231 -16.31 -28.57 -11.44
C SER C 231 -17.39 -28.79 -10.39
N MET C 232 -18.60 -29.10 -10.84
CA MET C 232 -19.74 -29.09 -9.96
C MET C 232 -20.73 -30.22 -10.30
N SER C 233 -21.32 -30.77 -9.26
CA SER C 233 -22.41 -31.74 -9.37
C SER C 233 -23.22 -31.64 -8.10
N ALA C 234 -24.49 -32.06 -8.16
CA ALA C 234 -25.36 -31.97 -7.00
C ALA C 234 -24.76 -32.77 -5.84
N ASP C 235 -24.90 -32.25 -4.64
CA ASP C 235 -24.66 -33.00 -3.40
C ASP C 235 -23.16 -33.25 -3.15
N VAL C 236 -22.24 -32.83 -4.04
CA VAL C 236 -20.81 -33.17 -4.05
CA VAL C 236 -20.82 -33.16 -3.87
C VAL C 236 -19.99 -31.87 -3.87
N PRO C 237 -18.78 -31.96 -3.27
CA PRO C 237 -17.91 -30.79 -3.19
C PRO C 237 -17.54 -30.21 -4.57
N LEU C 238 -17.48 -28.89 -4.58
CA LEU C 238 -16.94 -28.14 -5.68
C LEU C 238 -15.44 -28.41 -5.74
N VAL C 239 -14.92 -28.43 -6.96
CA VAL C 239 -13.50 -28.50 -7.18
C VAL C 239 -13.07 -27.22 -7.88
N VAL C 240 -12.09 -26.55 -7.31
CA VAL C 240 -11.51 -25.37 -7.94
C VAL C 240 -10.04 -25.67 -8.24
N GLU C 241 -9.67 -25.62 -9.50
CA GLU C 241 -8.40 -26.15 -9.93
C GLU C 241 -7.59 -25.08 -10.68
N TYR C 242 -6.35 -24.93 -10.23
CA TYR C 242 -5.35 -24.13 -10.86
C TYR C 242 -4.26 -25.06 -11.39
N LYS C 243 -4.08 -25.08 -12.69
CA LYS C 243 -2.99 -25.83 -13.34
C LYS C 243 -1.68 -25.07 -13.13
N ILE C 244 -0.66 -25.82 -12.70
CA ILE C 244 0.70 -25.28 -12.60
C ILE C 244 1.48 -25.79 -13.81
N ALA C 245 1.53 -24.92 -14.84
CA ALA C 245 1.97 -25.29 -16.17
C ALA C 245 3.36 -25.92 -16.07
N ASP C 246 3.50 -27.08 -16.73
CA ASP C 246 4.73 -27.89 -16.82
C ASP C 246 5.04 -28.60 -15.50
N MET C 247 4.10 -28.70 -14.52
CA MET C 247 4.42 -29.29 -13.20
C MET C 247 3.28 -30.11 -12.62
N GLY C 248 2.04 -29.61 -12.62
CA GLY C 248 0.95 -30.30 -11.96
C GLY C 248 -0.19 -29.35 -11.64
N HIS C 249 -0.65 -29.32 -10.41
CA HIS C 249 -1.84 -28.53 -10.09
C HIS C 249 -2.04 -28.39 -8.58
N LEU C 250 -2.79 -27.35 -8.29
CA LEU C 250 -3.31 -27.10 -7.01
C LEU C 250 -4.84 -27.14 -7.10
N LYS C 251 -5.45 -28.04 -6.35
CA LYS C 251 -6.93 -28.19 -6.36
C LYS C 251 -7.48 -27.96 -4.96
N TYR C 252 -8.57 -27.21 -4.91
CA TYR C 252 -9.29 -26.96 -3.70
C TYR C 252 -10.69 -27.58 -3.79
N TYR C 253 -11.14 -28.19 -2.71
CA TYR C 253 -12.43 -28.78 -2.67
C TYR C 253 -13.25 -28.11 -1.59
N LEU C 254 -14.52 -27.85 -1.83
CA LEU C 254 -15.34 -27.21 -0.83
C LEU C 254 -16.72 -27.86 -0.76
N ALA C 255 -17.11 -28.21 0.43
CA ALA C 255 -18.41 -28.82 0.66
C ALA C 255 -19.50 -27.74 0.52
N PRO C 256 -20.60 -28.09 -0.13
CA PRO C 256 -21.75 -27.21 -0.33
C PRO C 256 -22.37 -26.85 1.02
N LYS C 257 -22.92 -25.66 1.09
CA LYS C 257 -23.40 -25.06 2.32
C LYS C 257 -24.90 -25.36 2.41
N ILE C 258 -25.39 -25.72 3.60
CA ILE C 258 -26.82 -26.01 3.79
C ILE C 258 -27.47 -24.81 4.49
N GLU C 259 -28.75 -24.56 4.12
CA GLU C 259 -29.59 -23.48 4.66
C GLU C 259 -28.73 -22.27 5.04
N LYS D 4 -19.29 26.84 18.06
CA LYS D 4 -18.65 26.91 16.71
C LYS D 4 -19.71 27.34 15.69
N ARG D 5 -19.29 28.13 14.70
CA ARG D 5 -20.20 28.56 13.64
C ARG D 5 -20.70 27.34 12.84
N LEU D 6 -21.99 27.37 12.51
CA LEU D 6 -22.63 26.35 11.68
C LEU D 6 -23.13 26.97 10.37
N ILE D 7 -23.37 26.13 9.34
CA ILE D 7 -23.97 26.57 8.06
CA ILE D 7 -23.93 26.66 8.08
C ILE D 7 -25.36 27.19 8.32
N THR D 8 -26.07 26.64 9.31
CA THR D 8 -27.42 27.09 9.62
C THR D 8 -27.40 28.53 10.16
N ASP D 9 -26.25 29.03 10.61
CA ASP D 9 -26.15 30.40 11.05
C ASP D 9 -26.23 31.36 9.85
N SER D 10 -26.04 30.87 8.61
CA SER D 10 -26.13 31.76 7.43
C SER D 10 -27.35 31.38 6.59
N TYR D 11 -27.60 30.08 6.48
CA TYR D 11 -28.66 29.57 5.62
C TYR D 11 -29.61 28.73 6.49
N PRO D 12 -30.72 29.33 6.90
CA PRO D 12 -31.58 28.63 7.84
C PRO D 12 -32.29 27.44 7.17
N VAL D 13 -32.58 26.41 7.98
CA VAL D 13 -33.43 25.30 7.55
C VAL D 13 -34.75 25.87 7.05
N VAL D 14 -35.32 25.21 6.07
CA VAL D 14 -36.40 25.78 5.35
C VAL D 14 -37.41 24.70 4.93
N LYS D 15 -37.11 23.40 5.13
CA LYS D 15 -38.12 22.30 4.98
C LYS D 15 -37.45 20.91 5.04
N ARG E 3 -26.67 -30.10 10.86
CA ARG E 3 -25.30 -29.60 11.14
C ARG E 3 -24.62 -29.26 9.81
N LYS E 4 -23.45 -28.62 9.90
CA LYS E 4 -22.64 -28.25 8.73
C LYS E 4 -22.26 -29.48 7.88
N ARG E 5 -22.23 -29.31 6.56
CA ARG E 5 -21.75 -30.33 5.63
C ARG E 5 -20.21 -30.27 5.57
N LEU E 6 -19.57 -31.44 5.60
CA LEU E 6 -18.10 -31.52 5.67
C LEU E 6 -17.61 -32.30 4.45
N ILE E 7 -16.34 -32.12 4.15
CA ILE E 7 -15.68 -32.88 3.09
C ILE E 7 -15.77 -34.38 3.40
N THR E 8 -15.65 -34.75 4.67
CA THR E 8 -15.72 -36.15 5.06
C THR E 8 -17.13 -36.73 4.79
N ASP E 9 -18.15 -35.91 4.50
CA ASP E 9 -19.46 -36.52 4.19
C ASP E 9 -19.44 -37.07 2.78
N SER E 10 -18.41 -36.76 2.00
CA SER E 10 -18.36 -37.28 0.65
C SER E 10 -17.09 -38.09 0.39
N TYR E 11 -15.98 -37.76 1.03
CA TYR E 11 -14.74 -38.38 0.63
C TYR E 11 -14.27 -39.22 1.82
N PRO E 12 -14.11 -40.53 1.57
CA PRO E 12 -13.69 -41.48 2.58
C PRO E 12 -12.26 -41.25 3.08
N VAL E 13 -12.03 -41.49 4.36
CA VAL E 13 -10.67 -41.69 4.86
C VAL E 13 -10.08 -42.97 4.26
N VAL E 14 -8.79 -42.92 3.95
CA VAL E 14 -8.10 -44.02 3.32
C VAL E 14 -6.76 -44.27 4.04
N LYS E 15 -6.38 -43.48 5.06
CA LYS E 15 -5.05 -43.69 5.69
C LYS E 15 -4.99 -43.10 7.10
N ARG F 3 26.98 -5.36 30.41
CA ARG F 3 25.87 -5.54 29.43
C ARG F 3 26.42 -5.26 28.03
N LYS F 4 25.61 -4.59 27.20
CA LYS F 4 25.92 -4.32 25.80
C LYS F 4 27.28 -3.63 25.66
N ARG F 5 28.04 -4.05 24.64
CA ARG F 5 29.14 -3.23 24.12
C ARG F 5 28.55 -1.98 23.47
N LEU F 6 29.17 -0.82 23.71
CA LEU F 6 28.63 0.49 23.30
C LEU F 6 29.63 1.14 22.33
N ILE F 7 29.19 2.17 21.59
CA ILE F 7 30.09 2.87 20.66
C ILE F 7 31.25 3.48 21.48
N THR F 8 30.88 3.98 22.65
CA THR F 8 31.83 4.68 23.55
C THR F 8 32.84 3.71 24.18
N ASP F 9 32.70 2.38 23.99
CA ASP F 9 33.74 1.42 24.42
C ASP F 9 34.90 1.38 23.45
N SER F 10 34.73 1.80 22.19
CA SER F 10 35.85 1.87 21.23
C SER F 10 36.25 3.34 21.00
N TYR F 11 35.27 4.23 21.01
CA TYR F 11 35.51 5.62 20.63
C TYR F 11 34.98 6.52 21.76
N PRO F 12 35.82 6.77 22.77
CA PRO F 12 35.28 7.47 23.94
C PRO F 12 34.97 8.96 23.67
N VAL F 13 34.11 9.53 24.49
CA VAL F 13 33.82 10.97 24.45
C VAL F 13 35.13 11.75 24.62
N VAL F 14 35.19 12.98 24.11
CA VAL F 14 36.42 13.77 24.20
C VAL F 14 36.22 14.91 25.21
#